data_7N59
#
_entry.id   7N59
#
_cell.length_a   1.00
_cell.length_b   1.00
_cell.length_c   1.00
_cell.angle_alpha   90.00
_cell.angle_beta   90.00
_cell.angle_gamma   90.00
#
_symmetry.space_group_name_H-M   'P 1'
#
loop_
_entity.id
_entity.type
_entity.pdbx_description
1 polymer 'ABC transporter B family member 25, mitochondrial'
2 non-polymer 'OXIDIZED GLUTATHIONE DISULFIDE'
#
_entity_poly.entity_id   1
_entity_poly.type   'polypeptide(L)'
_entity_poly.pdbx_seq_one_letter_code
;MSRGSRFVRAPGLLLCRVNLQPQPKIPSFSYSLRSDYRLHNGFSNYIRRNSIRTSPVINAFLSDNSPSPSPSPSPIRFVQ
RSSMLNGRLFSTSTPNPDQTTTKTKEIKTTSSDSDSAMADMKILRTLAGYLWMRDNPEFRFRVIAALGFLVGAKVLNVQV
PFLFKLAVDWLASATGTGASLTTFAATNPTLLTVFATPAAVLIGYGIARTGSSAFNELRTAVFSKVALRTIRSVSRKVFS
HLHDLDLRYHLSRETGGLNRIIDRGSRAINFILSAMVFNVVPTILEISMVSGILAYKFGAAFAWITSLSVGSYIVFTLAV
TQWRTKFRKAMNKADNDASTRAIDSLINYETVKYFNNEGYEAEKYDQFLKKYEDAALQTQRSLAFLNFGQSIIFSTALST
AMVLCSQGIMNGQMTVGDLVMVNGLLFQLSLPLNFLGSVYRETIQSLVDMKSMFQLLEEKSDITNTSDAKPLVLKGGNIE
FENVHFSYLPERKILDGISFVVPAGKSVAIVGTSGSGKSTILRMLFRFFDTDSGNIRIDGQDIKEVRLDSLRSSIGVVPQ
DTVLFNDTIFHNIHYGRLSATEEEVYEAARRAAIHETISNFPDKYSTIVGERGLKLSGGEKQRVALARTFLKSPAILLCD
EATSALDSTTEAEILNALKALASNRTSIFIAHRLTTAMQCDEIVVLENGKVVEQGPHDELLGKSGRYAQLWTQQNSSVDM
LDAAIKLEAAALEHHHHHH
;
_entity_poly.pdbx_strand_id   A,B
#
# COMPACT_ATOMS: atom_id res chain seq x y z
N ALA A 117 -15.74 -21.26 18.06
CA ALA A 117 -16.85 -21.69 18.90
C ALA A 117 -18.17 -21.63 18.13
N MET A 118 -19.20 -21.06 18.77
CA MET A 118 -20.50 -20.93 18.11
C MET A 118 -20.40 -20.01 16.90
N ALA A 119 -19.62 -18.93 17.00
CA ALA A 119 -19.45 -18.03 15.87
C ALA A 119 -18.77 -18.74 14.70
N ASP A 120 -17.80 -19.60 14.99
CA ASP A 120 -17.15 -20.37 13.92
C ASP A 120 -18.15 -21.28 13.22
N MET A 121 -19.01 -21.95 13.99
CA MET A 121 -20.03 -22.79 13.39
C MET A 121 -20.98 -21.96 12.53
N LYS A 122 -21.36 -20.77 13.03
CA LYS A 122 -22.26 -19.91 12.27
C LYS A 122 -21.64 -19.47 10.96
N ILE A 123 -20.37 -19.05 10.98
CA ILE A 123 -19.74 -18.57 9.75
C ILE A 123 -19.53 -19.72 8.77
N LEU A 124 -19.18 -20.92 9.27
CA LEU A 124 -19.04 -22.07 8.39
C LEU A 124 -20.38 -22.42 7.75
N ARG A 125 -21.46 -22.41 8.53
CA ARG A 125 -22.77 -22.71 7.98
C ARG A 125 -23.20 -21.67 6.96
N THR A 126 -22.94 -20.40 7.23
CA THR A 126 -23.30 -19.34 6.28
C THR A 126 -22.50 -19.48 4.98
N LEU A 127 -21.20 -19.77 5.10
CA LEU A 127 -20.38 -19.97 3.92
C LEU A 127 -20.87 -21.17 3.10
N ALA A 128 -21.23 -22.26 3.78
CA ALA A 128 -21.77 -23.42 3.07
C ALA A 128 -23.08 -23.10 2.38
N GLY A 129 -23.95 -22.33 3.06
CA GLY A 129 -25.21 -21.94 2.44
C GLY A 129 -25.02 -21.09 1.20
N TYR A 130 -24.07 -20.16 1.25
CA TYR A 130 -23.75 -19.37 0.07
C TYR A 130 -23.15 -20.24 -1.03
N LEU A 131 -22.35 -21.25 -0.63
CA LEU A 131 -21.67 -22.08 -1.61
C LEU A 131 -22.64 -23.05 -2.30
N TRP A 132 -23.71 -23.46 -1.62
CA TRP A 132 -24.60 -24.46 -2.19
C TRP A 132 -25.58 -23.82 -3.18
N MET A 133 -26.42 -22.91 -2.72
CA MET A 133 -27.44 -22.25 -3.53
C MET A 133 -28.34 -23.29 -4.20
N ARG A 134 -29.11 -23.98 -3.34
CA ARG A 134 -29.98 -25.06 -3.78
C ARG A 134 -31.02 -24.61 -4.81
N ASP A 135 -31.32 -23.31 -4.87
CA ASP A 135 -32.37 -22.84 -5.77
C ASP A 135 -32.02 -23.08 -7.23
N ASN A 136 -30.77 -22.81 -7.61
CA ASN A 136 -30.36 -22.95 -9.00
C ASN A 136 -29.46 -24.16 -9.18
N PRO A 137 -29.76 -25.05 -10.13
CA PRO A 137 -28.95 -26.26 -10.31
C PRO A 137 -27.62 -26.03 -10.99
N GLU A 138 -27.41 -24.86 -11.59
CA GLU A 138 -26.19 -24.61 -12.36
C GLU A 138 -24.95 -24.62 -11.47
N PHE A 139 -25.11 -24.50 -10.15
CA PHE A 139 -23.99 -24.59 -9.24
C PHE A 139 -23.86 -25.96 -8.59
N ARG A 140 -24.97 -26.65 -8.34
CA ARG A 140 -24.89 -28.03 -7.88
C ARG A 140 -24.21 -28.91 -8.92
N PHE A 141 -24.56 -28.73 -10.19
CA PHE A 141 -23.90 -29.49 -11.24
C PHE A 141 -22.42 -29.20 -11.29
N ARG A 142 -22.03 -27.94 -11.13
CA ARG A 142 -20.61 -27.59 -11.18
C ARG A 142 -19.85 -28.18 -10.00
N VAL A 143 -20.44 -28.17 -8.80
CA VAL A 143 -19.78 -28.79 -7.66
C VAL A 143 -19.62 -30.29 -7.88
N ILE A 144 -20.66 -30.96 -8.39
CA ILE A 144 -20.57 -32.39 -8.65
C ILE A 144 -19.47 -32.67 -9.66
N ALA A 145 -19.39 -31.86 -10.72
CA ALA A 145 -18.33 -32.03 -11.71
C ALA A 145 -16.96 -31.83 -11.09
N ALA A 146 -16.83 -30.86 -10.18
CA ALA A 146 -15.55 -30.61 -9.53
C ALA A 146 -15.08 -31.84 -8.75
N LEU A 147 -15.96 -32.40 -7.91
CA LEU A 147 -15.58 -33.58 -7.15
C LEU A 147 -15.28 -34.77 -8.07
N GLY A 148 -16.08 -34.96 -9.12
CA GLY A 148 -15.82 -36.05 -10.04
C GLY A 148 -14.46 -35.94 -10.70
N PHE A 149 -14.12 -34.74 -11.18
CA PHE A 149 -12.81 -34.56 -11.82
C PHE A 149 -11.68 -34.72 -10.82
N LEU A 150 -11.88 -34.28 -9.57
CA LEU A 150 -10.86 -34.49 -8.55
C LEU A 150 -10.57 -35.96 -8.35
N VAL A 151 -11.62 -36.77 -8.17
CA VAL A 151 -11.43 -38.20 -7.94
C VAL A 151 -10.78 -38.85 -9.15
N GLY A 152 -11.25 -38.51 -10.35
CA GLY A 152 -10.66 -39.10 -11.54
C GLY A 152 -9.19 -38.75 -11.70
N ALA A 153 -8.83 -37.50 -11.45
CA ALA A 153 -7.44 -37.09 -11.57
C ALA A 153 -6.56 -37.84 -10.57
N LYS A 154 -7.01 -37.97 -9.33
CA LYS A 154 -6.20 -38.69 -8.34
C LYS A 154 -6.06 -40.17 -8.72
N VAL A 155 -7.14 -40.78 -9.19
CA VAL A 155 -7.07 -42.19 -9.59
C VAL A 155 -6.06 -42.38 -10.71
N LEU A 156 -6.13 -41.53 -11.73
CA LEU A 156 -5.19 -41.66 -12.86
C LEU A 156 -3.76 -41.40 -12.40
N ASN A 157 -3.56 -40.43 -11.52
CA ASN A 157 -2.21 -40.12 -11.06
C ASN A 157 -1.60 -41.30 -10.31
N VAL A 158 -2.40 -41.98 -9.48
CA VAL A 158 -1.88 -43.16 -8.80
C VAL A 158 -1.69 -44.31 -9.77
N GLN A 159 -2.54 -44.40 -10.79
CA GLN A 159 -2.43 -45.50 -11.74
C GLN A 159 -1.22 -45.38 -12.68
N VAL A 160 -0.71 -44.17 -12.88
CA VAL A 160 0.40 -43.98 -13.82
C VAL A 160 1.60 -44.88 -13.52
N PRO A 161 2.14 -44.93 -12.30
CA PRO A 161 3.32 -45.79 -12.08
C PRO A 161 3.07 -47.27 -12.28
N PHE A 162 1.82 -47.74 -12.16
CA PHE A 162 1.55 -49.16 -12.35
C PHE A 162 1.82 -49.59 -13.78
N LEU A 163 1.47 -48.74 -14.76
CA LEU A 163 1.77 -49.07 -16.15
C LEU A 163 3.26 -49.16 -16.38
N PHE A 164 4.04 -48.26 -15.78
CA PHE A 164 5.49 -48.33 -15.94
C PHE A 164 6.05 -49.59 -15.30
N LYS A 165 5.53 -49.98 -14.14
CA LYS A 165 5.98 -51.22 -13.51
C LYS A 165 5.67 -52.42 -14.40
N LEU A 166 4.47 -52.47 -14.98
CA LEU A 166 4.11 -53.58 -15.86
C LEU A 166 5.03 -53.62 -17.07
N ALA A 167 5.29 -52.45 -17.68
CA ALA A 167 6.15 -52.41 -18.85
C ALA A 167 7.55 -52.89 -18.52
N VAL A 168 8.11 -52.43 -17.39
CA VAL A 168 9.48 -52.80 -17.03
C VAL A 168 9.55 -54.30 -16.74
N ASP A 169 8.56 -54.84 -16.03
CA ASP A 169 8.56 -56.27 -15.74
C ASP A 169 8.48 -57.09 -17.01
N TRP A 170 7.59 -56.71 -17.93
CA TRP A 170 7.47 -57.45 -19.19
C TRP A 170 8.75 -57.35 -20.01
N LEU A 171 9.35 -56.16 -20.07
CA LEU A 171 10.58 -55.98 -20.83
C LEU A 171 11.71 -56.82 -20.25
N ALA A 172 11.83 -56.85 -18.92
CA ALA A 172 12.87 -57.66 -18.30
C ALA A 172 12.64 -59.14 -18.54
N SER A 173 11.39 -59.59 -18.49
CA SER A 173 11.11 -60.99 -18.75
C SER A 173 11.37 -61.36 -20.20
N ALA A 174 11.20 -60.42 -21.13
CA ALA A 174 11.42 -60.71 -22.54
C ALA A 174 12.87 -61.06 -22.82
N THR A 175 13.80 -60.33 -22.23
CA THR A 175 15.22 -60.57 -22.45
C THR A 175 15.80 -61.48 -21.37
N ALA A 186 5.93 -68.12 -21.44
CA ALA A 186 5.89 -67.00 -20.50
C ALA A 186 4.53 -66.91 -19.81
N THR A 187 4.53 -66.44 -18.57
CA THR A 187 3.29 -66.30 -17.83
C THR A 187 2.42 -65.21 -18.44
N ASN A 188 1.11 -65.48 -18.52
CA ASN A 188 0.17 -64.55 -19.13
C ASN A 188 -0.74 -63.96 -18.06
N PRO A 189 -0.65 -62.66 -17.77
CA PRO A 189 -1.57 -62.06 -16.80
C PRO A 189 -2.85 -61.57 -17.46
N THR A 190 -3.11 -62.04 -18.69
CA THR A 190 -4.28 -61.68 -19.49
C THR A 190 -4.34 -60.19 -19.82
N LEU A 191 -3.19 -59.51 -19.84
CA LEU A 191 -3.10 -58.14 -20.29
C LEU A 191 -2.53 -58.04 -21.70
N LEU A 192 -2.40 -59.16 -22.42
CA LEU A 192 -1.86 -59.12 -23.76
C LEU A 192 -2.89 -58.61 -24.77
N THR A 193 -4.18 -58.67 -24.43
CA THR A 193 -5.21 -58.28 -25.39
C THR A 193 -5.25 -56.78 -25.60
N VAL A 194 -5.19 -56.00 -24.51
CA VAL A 194 -5.31 -54.55 -24.63
C VAL A 194 -4.06 -53.96 -25.27
N PHE A 195 -2.89 -54.39 -24.83
CA PHE A 195 -1.62 -53.89 -25.35
C PHE A 195 -0.86 -55.04 -25.98
N ALA A 196 -0.53 -54.92 -27.27
CA ALA A 196 0.16 -55.98 -27.97
C ALA A 196 1.64 -56.04 -27.59
N THR A 197 2.30 -54.90 -27.47
CA THR A 197 3.72 -54.81 -27.23
C THR A 197 4.00 -53.79 -26.14
N PRO A 198 5.18 -53.85 -25.52
CA PRO A 198 5.49 -52.87 -24.44
C PRO A 198 5.44 -51.42 -24.90
N ALA A 199 5.64 -51.17 -26.20
CA ALA A 199 5.53 -49.80 -26.69
C ALA A 199 4.14 -49.23 -26.42
N ALA A 200 3.10 -50.07 -26.52
CA ALA A 200 1.75 -49.62 -26.21
C ALA A 200 1.62 -49.20 -24.75
N VAL A 201 2.22 -49.97 -23.84
CA VAL A 201 2.16 -49.62 -22.42
C VAL A 201 2.91 -48.31 -22.17
N LEU A 202 4.07 -48.14 -22.81
CA LEU A 202 4.83 -46.92 -22.59
C LEU A 202 4.13 -45.70 -23.19
N ILE A 203 3.35 -45.89 -24.25
CA ILE A 203 2.51 -44.81 -24.77
C ILE A 203 1.37 -44.51 -23.79
N GLY A 204 0.77 -45.57 -23.22
CA GLY A 204 -0.28 -45.38 -22.25
C GLY A 204 0.18 -44.64 -21.02
N TYR A 205 1.45 -44.79 -20.65
CA TYR A 205 2.03 -44.01 -19.56
C TYR A 205 1.84 -42.52 -19.78
N GLY A 206 2.28 -42.04 -20.94
CA GLY A 206 2.14 -40.62 -21.24
C GLY A 206 0.70 -40.18 -21.41
N ILE A 207 -0.12 -41.04 -22.04
CA ILE A 207 -1.51 -40.64 -22.22
C ILE A 207 -2.23 -40.53 -20.87
N ALA A 208 -1.87 -41.39 -19.91
CA ALA A 208 -2.46 -41.29 -18.58
C ALA A 208 -1.98 -40.04 -17.86
N ARG A 209 -0.70 -39.69 -18.00
CA ARG A 209 -0.22 -38.45 -17.40
C ARG A 209 -0.97 -37.24 -17.95
N THR A 210 -1.15 -37.20 -19.28
CA THR A 210 -1.88 -36.10 -19.90
C THR A 210 -3.33 -36.05 -19.44
N GLY A 211 -3.98 -37.21 -19.33
CA GLY A 211 -5.34 -37.24 -18.84
C GLY A 211 -5.46 -36.72 -17.42
N SER A 212 -4.50 -37.08 -16.56
CA SER A 212 -4.51 -36.56 -15.19
C SER A 212 -4.41 -35.05 -15.18
N SER A 213 -3.49 -34.50 -15.97
CA SER A 213 -3.33 -33.05 -15.99
C SER A 213 -4.58 -32.35 -16.51
N ALA A 214 -5.20 -32.91 -17.57
CA ALA A 214 -6.42 -32.33 -18.10
C ALA A 214 -7.53 -32.33 -17.06
N PHE A 215 -7.69 -33.44 -16.34
CA PHE A 215 -8.72 -33.51 -15.31
C PHE A 215 -8.48 -32.46 -14.23
N ASN A 216 -7.22 -32.29 -13.82
CA ASN A 216 -6.92 -31.28 -12.80
C ASN A 216 -7.30 -29.89 -13.26
N GLU A 217 -6.97 -29.53 -14.51
CA GLU A 217 -7.24 -28.14 -14.89
C GLU A 217 -8.73 -27.91 -15.16
N LEU A 218 -9.45 -28.91 -15.69
CA LEU A 218 -10.90 -28.81 -15.74
C LEU A 218 -11.48 -28.54 -14.35
N ARG A 219 -11.02 -29.32 -13.35
CA ARG A 219 -11.54 -29.15 -12.00
C ARG A 219 -11.30 -27.74 -11.49
N THR A 220 -10.07 -27.24 -11.64
CA THR A 220 -9.75 -25.95 -11.07
C THR A 220 -10.57 -24.83 -11.72
N ALA A 221 -10.74 -24.86 -13.04
CA ALA A 221 -11.55 -23.83 -13.68
C ALA A 221 -13.01 -23.91 -13.23
N VAL A 222 -13.58 -25.11 -13.24
CA VAL A 222 -14.99 -25.27 -12.94
C VAL A 222 -15.30 -24.80 -11.52
N PHE A 223 -14.40 -25.10 -10.57
CA PHE A 223 -14.68 -24.62 -9.21
C PHE A 223 -14.36 -23.14 -9.02
N SER A 224 -13.36 -22.61 -9.75
CA SER A 224 -13.05 -21.19 -9.61
C SER A 224 -14.23 -20.33 -10.02
N LYS A 225 -15.03 -20.78 -10.98
CA LYS A 225 -16.21 -20.01 -11.35
C LYS A 225 -17.13 -19.77 -10.14
N VAL A 226 -17.47 -20.85 -9.42
CA VAL A 226 -18.39 -20.73 -8.29
C VAL A 226 -17.74 -19.95 -7.16
N ALA A 227 -16.42 -20.13 -6.96
CA ALA A 227 -15.75 -19.35 -5.92
C ALA A 227 -15.86 -17.85 -6.19
N LEU A 228 -15.62 -17.44 -7.45
CA LEU A 228 -15.71 -16.02 -7.77
C LEU A 228 -17.15 -15.52 -7.73
N ARG A 229 -18.14 -16.39 -7.90
CA ARG A 229 -19.52 -15.95 -7.69
C ARG A 229 -19.81 -15.70 -6.21
N THR A 230 -19.44 -16.65 -5.35
CA THR A 230 -19.81 -16.53 -3.94
C THR A 230 -19.05 -15.40 -3.25
N ILE A 231 -17.81 -15.15 -3.66
CA ILE A 231 -17.06 -14.04 -3.05
C ILE A 231 -17.77 -12.71 -3.32
N ARG A 232 -18.23 -12.51 -4.56
CA ARG A 232 -18.94 -11.27 -4.89
C ARG A 232 -20.24 -11.15 -4.13
N SER A 233 -20.98 -12.26 -4.02
CA SER A 233 -22.24 -12.20 -3.27
C SER A 233 -22.00 -11.79 -1.83
N VAL A 234 -21.01 -12.40 -1.18
CA VAL A 234 -20.72 -12.10 0.23
C VAL A 234 -20.28 -10.65 0.38
N SER A 235 -19.40 -10.18 -0.51
CA SER A 235 -18.91 -8.81 -0.39
C SER A 235 -20.05 -7.81 -0.56
N ARG A 236 -20.93 -8.03 -1.53
CA ARG A 236 -22.04 -7.10 -1.71
C ARG A 236 -22.97 -7.10 -0.51
N LYS A 237 -23.26 -8.29 0.05
CA LYS A 237 -24.12 -8.33 1.22
C LYS A 237 -23.51 -7.58 2.40
N VAL A 238 -22.22 -7.79 2.65
CA VAL A 238 -21.58 -7.13 3.78
C VAL A 238 -21.55 -5.62 3.58
N PHE A 239 -21.26 -5.16 2.37
CA PHE A 239 -21.27 -3.72 2.11
C PHE A 239 -22.65 -3.14 2.33
N SER A 240 -23.69 -3.79 1.81
CA SER A 240 -25.05 -3.26 1.94
C SER A 240 -25.47 -3.20 3.40
N HIS A 241 -25.08 -4.20 4.19
CA HIS A 241 -25.44 -4.15 5.61
C HIS A 241 -24.64 -3.08 6.34
N LEU A 242 -23.34 -2.96 6.04
CA LEU A 242 -22.52 -1.96 6.72
C LEU A 242 -22.99 -0.55 6.41
N HIS A 243 -23.53 -0.33 5.23
CA HIS A 243 -24.04 0.99 4.86
C HIS A 243 -25.41 1.27 5.44
N ASP A 244 -25.85 0.51 6.45
CA ASP A 244 -27.14 0.70 7.08
C ASP A 244 -27.07 0.95 8.58
N LEU A 245 -25.88 0.90 9.18
CA LEU A 245 -25.75 1.13 10.61
C LEU A 245 -25.98 2.60 10.94
N ASP A 246 -26.04 2.89 12.23
CA ASP A 246 -26.29 4.25 12.70
C ASP A 246 -25.06 5.13 12.46
N LEU A 247 -25.28 6.44 12.58
CA LEU A 247 -24.20 7.40 12.35
C LEU A 247 -23.18 7.39 13.48
N ARG A 248 -23.61 7.04 14.70
CA ARG A 248 -22.69 6.97 15.82
C ARG A 248 -21.58 5.96 15.55
N TYR A 249 -21.92 4.80 14.99
CA TYR A 249 -20.91 3.81 14.64
C TYR A 249 -19.95 4.35 13.60
N HIS A 250 -20.47 5.11 12.63
CA HIS A 250 -19.60 5.64 11.57
C HIS A 250 -18.64 6.68 12.11
N LEU A 251 -19.08 7.49 13.08
CA LEU A 251 -18.15 8.43 13.71
C LEU A 251 -17.06 7.73 14.49
N SER A 252 -17.40 6.65 15.21
CA SER A 252 -16.42 5.99 16.08
C SER A 252 -15.27 5.40 15.28
N ARG A 253 -15.57 4.75 14.16
CA ARG A 253 -14.55 4.08 13.36
C ARG A 253 -14.02 5.02 12.28
N GLU A 254 -12.74 4.89 11.98
CA GLU A 254 -12.10 5.73 10.98
C GLU A 254 -12.38 5.16 9.60
N THR A 255 -13.00 5.97 8.74
CA THR A 255 -13.39 5.52 7.41
C THR A 255 -12.16 5.21 6.56
N GLY A 256 -12.27 4.18 5.73
CA GLY A 256 -11.14 3.67 4.99
C GLY A 256 -10.65 2.37 5.60
N GLY A 257 -10.63 2.32 6.93
CA GLY A 257 -10.36 1.07 7.60
C GLY A 257 -11.40 0.01 7.27
N LEU A 258 -12.66 0.43 7.15
CA LEU A 258 -13.71 -0.50 6.77
C LEU A 258 -13.46 -1.09 5.38
N ASN A 259 -13.05 -0.24 4.43
CA ASN A 259 -12.75 -0.72 3.09
C ASN A 259 -11.54 -1.65 3.10
N ARG A 260 -10.53 -1.32 3.89
CA ARG A 260 -9.36 -2.20 4.01
C ARG A 260 -9.75 -3.56 4.55
N ILE A 261 -10.59 -3.59 5.59
CA ILE A 261 -11.05 -4.86 6.15
C ILE A 261 -11.87 -5.62 5.11
N ILE A 262 -12.72 -4.92 4.37
CA ILE A 262 -13.54 -5.58 3.34
C ILE A 262 -12.64 -6.27 2.31
N ASP A 263 -11.66 -5.53 1.79
CA ASP A 263 -10.77 -6.10 0.78
C ASP A 263 -9.97 -7.27 1.33
N ARG A 264 -9.40 -7.11 2.53
CA ARG A 264 -8.60 -8.17 3.11
C ARG A 264 -9.43 -9.43 3.35
N GLY A 265 -10.65 -9.27 3.86
CA GLY A 265 -11.52 -10.42 4.06
C GLY A 265 -11.94 -11.07 2.76
N SER A 266 -12.18 -10.28 1.72
CA SER A 266 -12.52 -10.87 0.42
C SER A 266 -11.37 -11.73 -0.09
N ARG A 267 -10.15 -11.21 -0.03
CA ARG A 267 -8.99 -12.01 -0.41
C ARG A 267 -8.89 -13.27 0.44
N ALA A 268 -9.21 -13.14 1.73
CA ALA A 268 -9.17 -14.31 2.62
C ALA A 268 -10.19 -15.37 2.19
N ILE A 269 -11.42 -14.95 1.86
CA ILE A 269 -12.42 -15.90 1.39
C ILE A 269 -11.90 -16.64 0.15
N ASN A 270 -11.41 -15.87 -0.83
CA ASN A 270 -10.95 -16.48 -2.06
C ASN A 270 -9.85 -17.50 -1.80
N PHE A 271 -8.84 -17.09 -1.02
CA PHE A 271 -7.71 -17.99 -0.79
C PHE A 271 -8.12 -19.22 -0.01
N ILE A 272 -8.93 -19.07 1.04
CA ILE A 272 -9.27 -20.22 1.85
C ILE A 272 -10.10 -21.22 1.07
N LEU A 273 -11.06 -20.74 0.27
CA LEU A 273 -11.85 -21.66 -0.53
C LEU A 273 -10.98 -22.35 -1.57
N SER A 274 -10.15 -21.59 -2.28
CA SER A 274 -9.32 -22.16 -3.32
C SER A 274 -8.37 -23.20 -2.75
N ALA A 275 -7.71 -22.90 -1.63
CA ALA A 275 -6.78 -23.84 -1.03
C ALA A 275 -7.50 -25.08 -0.53
N MET A 276 -8.55 -24.90 0.27
CA MET A 276 -9.23 -26.04 0.88
C MET A 276 -9.86 -26.94 -0.16
N VAL A 277 -10.14 -26.45 -1.37
CA VAL A 277 -10.71 -27.32 -2.38
C VAL A 277 -9.67 -27.85 -3.38
N PHE A 278 -8.53 -27.17 -3.55
CA PHE A 278 -7.56 -27.56 -4.56
C PHE A 278 -6.37 -28.33 -4.00
N ASN A 279 -5.96 -28.09 -2.76
CA ASN A 279 -4.74 -28.71 -2.25
C ASN A 279 -4.98 -29.63 -1.06
N VAL A 280 -5.67 -29.17 -0.02
CA VAL A 280 -5.74 -29.94 1.22
C VAL A 280 -6.47 -31.25 1.01
N VAL A 281 -7.65 -31.20 0.42
CA VAL A 281 -8.45 -32.40 0.19
C VAL A 281 -7.78 -33.33 -0.83
N PRO A 282 -7.35 -32.84 -2.00
CA PRO A 282 -6.70 -33.76 -2.95
C PRO A 282 -5.46 -34.44 -2.40
N THR A 283 -4.65 -33.74 -1.60
CA THR A 283 -3.45 -34.37 -1.05
C THR A 283 -3.81 -35.41 -0.01
N ILE A 284 -4.85 -35.16 0.79
CA ILE A 284 -5.31 -36.16 1.75
C ILE A 284 -5.79 -37.40 1.01
N LEU A 285 -6.56 -37.22 -0.07
CA LEU A 285 -6.99 -38.36 -0.86
C LEU A 285 -5.80 -39.10 -1.45
N GLU A 286 -4.81 -38.34 -1.94
CA GLU A 286 -3.63 -38.96 -2.53
C GLU A 286 -2.88 -39.82 -1.53
N ILE A 287 -2.63 -39.28 -0.33
CA ILE A 287 -1.87 -40.05 0.66
C ILE A 287 -2.68 -41.24 1.15
N SER A 288 -3.99 -41.09 1.33
CA SER A 288 -4.80 -42.22 1.75
C SER A 288 -4.79 -43.32 0.70
N MET A 289 -4.90 -42.96 -0.57
CA MET A 289 -4.96 -43.97 -1.62
C MET A 289 -3.60 -44.61 -1.87
N VAL A 290 -2.52 -43.86 -1.64
CA VAL A 290 -1.18 -44.45 -1.72
C VAL A 290 -0.99 -45.46 -0.60
N SER A 291 -1.37 -45.09 0.63
CA SER A 291 -1.27 -46.02 1.74
C SER A 291 -2.24 -47.19 1.63
N GLY A 292 -3.26 -47.06 0.78
CA GLY A 292 -4.15 -48.18 0.51
C GLY A 292 -3.61 -49.12 -0.56
N ILE A 293 -2.98 -48.56 -1.59
CA ILE A 293 -2.30 -49.40 -2.57
C ILE A 293 -1.16 -50.16 -1.91
N LEU A 294 -0.40 -49.49 -1.06
CA LEU A 294 0.52 -50.20 -0.17
C LEU A 294 -0.27 -50.81 0.98
N ALA A 295 0.42 -51.60 1.80
CA ALA A 295 -0.18 -52.38 2.89
C ALA A 295 -1.09 -53.46 2.33
N TYR A 296 -1.26 -53.47 1.02
CA TYR A 296 -1.87 -54.55 0.27
C TYR A 296 -1.00 -54.77 -0.96
N LYS A 297 -1.00 -55.99 -1.48
CA LYS A 297 -0.13 -56.41 -2.57
C LYS A 297 1.34 -56.37 -2.14
N PHE A 298 1.63 -56.03 -0.90
CA PHE A 298 2.98 -56.00 -0.34
C PHE A 298 2.88 -56.34 1.14
N GLY A 299 3.94 -56.06 1.88
CA GLY A 299 3.93 -56.29 3.31
C GLY A 299 3.19 -55.20 4.07
N ALA A 300 3.02 -55.43 5.37
CA ALA A 300 2.33 -54.47 6.22
C ALA A 300 3.24 -53.36 6.74
N ALA A 301 4.57 -53.53 6.63
CA ALA A 301 5.48 -52.51 7.12
C ALA A 301 5.45 -51.24 6.27
N PHE A 302 5.00 -51.34 5.03
CA PHE A 302 4.93 -50.16 4.16
C PHE A 302 3.93 -49.15 4.70
N ALA A 303 2.81 -49.62 5.25
CA ALA A 303 1.86 -48.71 5.87
C ALA A 303 2.48 -47.97 7.05
N TRP A 304 3.22 -48.69 7.90
CA TRP A 304 3.88 -48.04 9.02
C TRP A 304 4.86 -46.99 8.54
N ILE A 305 5.64 -47.31 7.50
CA ILE A 305 6.61 -46.34 6.98
C ILE A 305 5.90 -45.10 6.45
N THR A 306 4.92 -45.30 5.55
CA THR A 306 4.27 -44.16 4.93
C THR A 306 3.37 -43.40 5.89
N SER A 307 3.09 -43.95 7.07
CA SER A 307 2.35 -43.22 8.08
C SER A 307 3.27 -42.40 8.97
N LEU A 308 4.26 -43.05 9.60
CA LEU A 308 5.09 -42.32 10.55
C LEU A 308 6.01 -41.32 9.85
N SER A 309 6.46 -41.62 8.62
CA SER A 309 7.28 -40.65 7.91
C SER A 309 6.52 -39.35 7.66
N VAL A 310 5.29 -39.46 7.15
CA VAL A 310 4.52 -38.25 6.86
C VAL A 310 4.11 -37.56 8.15
N GLY A 311 3.87 -38.31 9.23
CA GLY A 311 3.57 -37.67 10.50
C GLY A 311 4.72 -36.82 11.01
N SER A 312 5.94 -37.39 10.98
CA SER A 312 7.12 -36.63 11.38
C SER A 312 7.34 -35.44 10.46
N TYR A 313 7.14 -35.63 9.16
CA TYR A 313 7.26 -34.52 8.21
C TYR A 313 6.34 -33.39 8.59
N ILE A 314 5.06 -33.70 8.87
CA ILE A 314 4.08 -32.67 9.16
C ILE A 314 4.44 -31.93 10.45
N VAL A 315 4.78 -32.68 11.49
CA VAL A 315 5.05 -32.02 12.77
C VAL A 315 6.29 -31.14 12.68
N PHE A 316 7.34 -31.63 12.01
CA PHE A 316 8.55 -30.83 11.84
C PHE A 316 8.28 -29.56 11.05
N THR A 317 7.52 -29.70 9.95
CA THR A 317 7.21 -28.53 9.13
C THR A 317 6.41 -27.50 9.91
N LEU A 318 5.44 -27.95 10.71
CA LEU A 318 4.64 -26.99 11.48
C LEU A 318 5.49 -26.26 12.51
N ALA A 319 6.34 -26.99 13.23
CA ALA A 319 7.18 -26.34 14.24
C ALA A 319 8.10 -25.29 13.61
N VAL A 320 8.83 -25.69 12.57
CA VAL A 320 9.76 -24.73 11.96
C VAL A 320 9.01 -23.61 11.28
N THR A 321 7.78 -23.86 10.80
CA THR A 321 6.98 -22.79 10.22
C THR A 321 6.60 -21.74 11.25
N GLN A 322 6.22 -22.17 12.45
CA GLN A 322 5.94 -21.19 13.51
C GLN A 322 7.18 -20.37 13.84
N TRP A 323 8.33 -21.04 13.97
CA TRP A 323 9.56 -20.33 14.32
C TRP A 323 9.94 -19.32 13.21
N ARG A 324 9.84 -19.73 11.95
CA ARG A 324 10.13 -18.82 10.85
C ARG A 324 9.14 -17.68 10.77
N THR A 325 7.86 -17.92 11.06
CA THR A 325 6.91 -16.82 10.95
C THR A 325 7.14 -15.80 12.05
N LYS A 326 7.59 -16.24 13.24
CA LYS A 326 8.03 -15.27 14.24
C LYS A 326 9.20 -14.45 13.72
N PHE A 327 10.17 -15.12 13.08
CA PHE A 327 11.32 -14.39 12.52
C PHE A 327 10.88 -13.36 11.48
N ARG A 328 9.96 -13.75 10.59
CA ARG A 328 9.53 -12.84 9.52
C ARG A 328 8.75 -11.65 10.07
N LYS A 329 7.90 -11.89 11.07
CA LYS A 329 7.19 -10.80 11.70
C LYS A 329 8.16 -9.83 12.36
N ALA A 330 9.24 -10.34 12.93
CA ALA A 330 10.28 -9.45 13.42
C ALA A 330 10.98 -8.71 12.28
N MET A 331 11.13 -9.36 11.12
CA MET A 331 11.87 -8.76 10.02
C MET A 331 11.15 -7.57 9.41
N ASN A 332 9.83 -7.69 9.21
CA ASN A 332 9.10 -6.68 8.43
C ASN A 332 9.17 -5.29 9.06
N LYS A 333 9.15 -5.22 10.40
CA LYS A 333 9.08 -3.94 11.08
C LYS A 333 10.33 -3.09 10.82
N ALA A 334 11.50 -3.72 10.73
CA ALA A 334 12.72 -2.96 10.48
C ALA A 334 12.67 -2.29 9.12
N ASP A 335 12.22 -3.01 8.09
CA ASP A 335 12.10 -2.41 6.76
C ASP A 335 11.09 -1.28 6.76
N ASN A 336 9.96 -1.48 7.43
CA ASN A 336 8.96 -0.41 7.50
C ASN A 336 9.53 0.83 8.17
N ASP A 337 10.26 0.65 9.26
CA ASP A 337 10.87 1.78 9.96
C ASP A 337 11.90 2.48 9.09
N ALA A 338 12.71 1.72 8.34
CA ALA A 338 13.69 2.33 7.45
C ALA A 338 13.02 3.17 6.38
N SER A 339 11.94 2.65 5.79
CA SER A 339 11.22 3.43 4.78
C SER A 339 10.63 4.70 5.38
N THR A 340 10.06 4.61 6.58
CA THR A 340 9.49 5.78 7.23
C THR A 340 10.57 6.83 7.51
N ARG A 341 11.74 6.38 7.97
CA ARG A 341 12.82 7.32 8.22
C ARG A 341 13.33 7.96 6.94
N ALA A 342 13.37 7.20 5.84
CA ALA A 342 13.76 7.79 4.57
C ALA A 342 12.79 8.88 4.15
N ILE A 343 11.48 8.61 4.30
CA ILE A 343 10.47 9.62 3.97
C ILE A 343 10.66 10.86 4.83
N ASP A 344 10.82 10.68 6.13
CA ASP A 344 10.96 11.82 7.03
C ASP A 344 12.21 12.64 6.72
N SER A 345 13.32 11.96 6.41
CA SER A 345 14.55 12.68 6.10
C SER A 345 14.43 13.44 4.78
N LEU A 346 13.77 12.85 3.79
CA LEU A 346 13.71 13.51 2.48
C LEU A 346 12.74 14.68 2.49
N ILE A 347 11.60 14.54 3.17
CA ILE A 347 10.57 15.59 3.10
C ILE A 347 11.07 16.87 3.75
N ASN A 348 11.91 16.76 4.78
CA ASN A 348 12.43 17.93 5.49
C ASN A 348 13.79 18.32 4.93
N TYR A 349 13.81 18.67 3.65
CA TYR A 349 15.07 18.89 2.95
C TYR A 349 15.73 20.21 3.34
N GLU A 350 14.95 21.29 3.45
CA GLU A 350 15.53 22.62 3.60
C GLU A 350 16.31 22.75 4.91
N THR A 351 15.75 22.25 6.02
CA THR A 351 16.46 22.34 7.29
C THR A 351 17.72 21.50 7.28
N VAL A 352 17.68 20.34 6.64
CA VAL A 352 18.89 19.51 6.52
C VAL A 352 19.95 20.23 5.70
N LYS A 353 19.53 20.95 4.66
CA LYS A 353 20.48 21.68 3.83
C LYS A 353 20.98 22.95 4.51
N TYR A 354 20.27 23.44 5.52
CA TYR A 354 20.72 24.65 6.21
C TYR A 354 22.04 24.44 6.93
N PHE A 355 22.27 23.22 7.42
CA PHE A 355 23.47 22.89 8.17
C PHE A 355 23.54 21.37 8.36
N ASN A 356 24.74 20.89 8.68
CA ASN A 356 25.07 19.47 8.88
C ASN A 356 24.48 18.58 7.78
N ASN A 357 24.56 19.05 6.55
CA ASN A 357 24.04 18.31 5.42
C ASN A 357 24.85 17.03 5.18
N GLU A 358 24.13 15.94 4.89
CA GLU A 358 24.74 14.66 4.55
C GLU A 358 25.70 14.19 5.64
N GLY A 359 25.29 14.42 6.89
CA GLY A 359 26.09 14.03 8.04
C GLY A 359 25.46 12.90 8.84
N TYR A 360 24.81 13.29 9.95
CA TYR A 360 24.21 12.30 10.85
C TYR A 360 23.12 11.48 10.16
N GLU A 361 22.45 12.06 9.15
CA GLU A 361 21.35 11.38 8.49
C GLU A 361 21.82 10.11 7.78
N ALA A 362 22.96 10.20 7.08
CA ALA A 362 23.48 9.03 6.38
C ALA A 362 23.86 7.93 7.37
N GLU A 363 24.45 8.31 8.51
CA GLU A 363 24.81 7.32 9.51
C GLU A 363 23.57 6.63 10.08
N LYS A 364 22.52 7.40 10.37
CA LYS A 364 21.31 6.79 10.91
C LYS A 364 20.65 5.87 9.88
N TYR A 365 20.67 6.28 8.61
CA TYR A 365 20.07 5.44 7.57
C TYR A 365 20.88 4.17 7.40
N ASP A 366 22.21 4.26 7.53
CA ASP A 366 23.04 3.06 7.60
C ASP A 366 22.62 2.15 8.74
N GLN A 367 22.35 2.72 9.91
CA GLN A 367 21.96 1.89 11.05
C GLN A 367 20.67 1.13 10.74
N PHE A 368 19.68 1.83 10.17
CA PHE A 368 18.41 1.19 9.88
C PHE A 368 18.54 0.09 8.83
N LEU A 369 19.31 0.37 7.76
CA LEU A 369 19.54 -0.66 6.75
C LEU A 369 20.31 -1.84 7.32
N LYS A 370 21.23 -1.59 8.26
CA LYS A 370 21.94 -2.68 8.90
C LYS A 370 20.99 -3.59 9.66
N LYS A 371 20.05 -2.99 10.41
CA LYS A 371 19.07 -3.80 11.13
C LYS A 371 18.23 -4.63 10.17
N TYR A 372 17.77 -4.01 9.08
CA TYR A 372 16.97 -4.75 8.11
C TYR A 372 17.76 -5.90 7.49
N GLU A 373 19.02 -5.65 7.15
CA GLU A 373 19.87 -6.67 6.55
C GLU A 373 20.05 -7.84 7.49
N ASP A 374 20.30 -7.56 8.77
CA ASP A 374 20.48 -8.64 9.75
C ASP A 374 19.22 -9.49 9.84
N ALA A 375 18.05 -8.85 9.91
CA ALA A 375 16.81 -9.59 10.01
C ALA A 375 16.57 -10.46 8.76
N ALA A 376 16.83 -9.90 7.58
CA ALA A 376 16.64 -10.66 6.35
C ALA A 376 17.57 -11.86 6.29
N LEU A 377 18.82 -11.68 6.69
CA LEU A 377 19.76 -12.80 6.72
C LEU A 377 19.28 -13.91 7.64
N GLN A 378 18.79 -13.53 8.83
CA GLN A 378 18.28 -14.55 9.76
C GLN A 378 17.12 -15.32 9.16
N THR A 379 16.18 -14.60 8.50
CA THR A 379 15.05 -15.28 7.88
C THR A 379 15.50 -16.25 6.81
N GLN A 380 16.46 -15.85 5.97
CA GLN A 380 16.95 -16.73 4.91
C GLN A 380 17.58 -17.99 5.50
N ARG A 381 18.38 -17.84 6.55
CA ARG A 381 18.98 -19.02 7.17
C ARG A 381 17.91 -19.96 7.73
N SER A 382 16.88 -19.39 8.36
CA SER A 382 15.81 -20.23 8.91
C SER A 382 15.09 -21.03 7.82
N LEU A 383 14.78 -20.36 6.69
CA LEU A 383 14.14 -21.07 5.58
C LEU A 383 15.04 -22.19 5.05
N ALA A 384 16.33 -21.90 4.94
CA ALA A 384 17.25 -22.93 4.43
C ALA A 384 17.26 -24.14 5.34
N PHE A 385 17.31 -23.92 6.66
CA PHE A 385 17.32 -25.05 7.59
C PHE A 385 16.04 -25.87 7.48
N LEU A 386 14.89 -25.20 7.36
CA LEU A 386 13.64 -25.92 7.19
C LEU A 386 13.66 -26.81 5.95
N ASN A 387 14.12 -26.25 4.83
CA ASN A 387 14.15 -27.03 3.59
C ASN A 387 15.06 -28.25 3.72
N PHE A 388 16.22 -28.08 4.34
CA PHE A 388 17.14 -29.20 4.49
C PHE A 388 16.53 -30.30 5.36
N GLY A 389 15.86 -29.91 6.45
CA GLY A 389 15.23 -30.91 7.29
C GLY A 389 14.18 -31.72 6.57
N GLN A 390 13.31 -31.03 5.82
CA GLN A 390 12.29 -31.74 5.05
C GLN A 390 12.93 -32.71 4.06
N SER A 391 13.97 -32.26 3.37
CA SER A 391 14.61 -33.10 2.37
C SER A 391 15.21 -34.35 3.00
N ILE A 392 15.88 -34.21 4.15
CA ILE A 392 16.51 -35.38 4.75
C ILE A 392 15.47 -36.36 5.26
N ILE A 393 14.36 -35.87 5.81
CA ILE A 393 13.31 -36.77 6.28
C ILE A 393 12.76 -37.59 5.13
N PHE A 394 12.41 -36.93 4.02
CA PHE A 394 11.83 -37.70 2.94
C PHE A 394 12.85 -38.62 2.28
N SER A 395 14.11 -38.21 2.22
CA SER A 395 15.13 -39.07 1.63
C SER A 395 15.31 -40.34 2.44
N THR A 396 15.35 -40.23 3.78
CA THR A 396 15.52 -41.45 4.57
C THR A 396 14.30 -42.35 4.47
N ALA A 397 13.09 -41.76 4.41
CA ALA A 397 11.91 -42.60 4.22
C ALA A 397 11.97 -43.37 2.90
N LEU A 398 12.30 -42.67 1.82
CA LEU A 398 12.35 -43.30 0.50
C LEU A 398 13.41 -44.40 0.45
N SER A 399 14.60 -44.11 1.01
CA SER A 399 15.67 -45.12 0.98
C SER A 399 15.30 -46.35 1.80
N THR A 400 14.65 -46.16 2.96
CA THR A 400 14.24 -47.31 3.75
C THR A 400 13.23 -48.16 2.99
N ALA A 401 12.24 -47.54 2.35
CA ALA A 401 11.28 -48.31 1.57
C ALA A 401 11.98 -49.07 0.45
N MET A 402 12.90 -48.41 -0.25
CA MET A 402 13.62 -49.07 -1.34
C MET A 402 14.43 -50.26 -0.85
N VAL A 403 15.13 -50.12 0.27
CA VAL A 403 15.94 -51.22 0.79
C VAL A 403 15.07 -52.38 1.20
N LEU A 404 13.93 -52.11 1.85
CA LEU A 404 13.06 -53.20 2.25
C LEU A 404 12.51 -53.93 1.03
N CYS A 405 12.14 -53.19 -0.01
CA CYS A 405 11.67 -53.84 -1.23
C CYS A 405 12.77 -54.64 -1.91
N SER A 406 14.02 -54.16 -1.84
CA SER A 406 15.14 -54.93 -2.40
C SER A 406 15.35 -56.24 -1.64
N GLN A 407 15.23 -56.19 -0.31
CA GLN A 407 15.30 -57.43 0.46
C GLN A 407 14.20 -58.38 0.06
N GLY A 408 12.98 -57.85 -0.13
CA GLY A 408 11.89 -58.70 -0.56
C GLY A 408 12.14 -59.35 -1.91
N ILE A 409 12.61 -58.57 -2.88
CA ILE A 409 12.83 -59.12 -4.22
C ILE A 409 13.98 -60.13 -4.22
N MET A 410 15.01 -59.90 -3.40
CA MET A 410 16.10 -60.87 -3.33
C MET A 410 15.67 -62.15 -2.63
N ASN A 411 14.73 -62.06 -1.68
CA ASN A 411 14.26 -63.25 -0.98
C ASN A 411 13.52 -64.21 -1.91
N GLY A 412 13.04 -63.73 -3.06
CA GLY A 412 12.31 -64.57 -3.98
C GLY A 412 10.80 -64.52 -3.84
N GLN A 413 10.26 -63.57 -3.11
CA GLN A 413 8.82 -63.47 -2.90
C GLN A 413 8.16 -62.94 -4.18
N MET A 414 6.86 -62.65 -4.09
CA MET A 414 6.12 -62.18 -5.25
C MET A 414 6.62 -60.83 -5.75
N THR A 415 7.39 -60.10 -4.94
CA THR A 415 7.97 -58.84 -5.38
C THR A 415 8.99 -59.09 -6.47
N VAL A 416 8.66 -58.69 -7.71
CA VAL A 416 9.53 -58.90 -8.85
C VAL A 416 9.48 -57.64 -9.71
N GLY A 417 10.60 -56.90 -9.77
CA GLY A 417 10.71 -55.75 -10.62
C GLY A 417 9.83 -54.57 -10.27
N ASP A 418 9.15 -54.60 -9.14
CA ASP A 418 8.26 -53.53 -8.73
C ASP A 418 8.94 -52.48 -7.88
N LEU A 419 10.26 -52.57 -7.71
CA LEU A 419 11.01 -51.53 -7.02
C LEU A 419 10.72 -50.16 -7.62
N VAL A 420 10.69 -50.09 -8.95
CA VAL A 420 10.43 -48.82 -9.63
C VAL A 420 9.03 -48.31 -9.33
N MET A 421 8.07 -49.22 -9.14
CA MET A 421 6.72 -48.80 -8.78
C MET A 421 6.72 -48.08 -7.43
N VAL A 422 7.40 -48.66 -6.44
CA VAL A 422 7.46 -48.03 -5.11
C VAL A 422 8.16 -46.68 -5.19
N ASN A 423 9.28 -46.62 -5.92
CA ASN A 423 10.00 -45.35 -6.05
C ASN A 423 9.10 -44.30 -6.70
N GLY A 424 8.46 -44.63 -7.81
CA GLY A 424 7.62 -43.67 -8.49
C GLY A 424 6.44 -43.22 -7.65
N LEU A 425 5.83 -44.15 -6.92
CA LEU A 425 4.66 -43.80 -6.11
C LEU A 425 5.05 -42.85 -4.98
N LEU A 426 6.14 -43.16 -4.27
CA LEU A 426 6.59 -42.26 -3.21
C LEU A 426 7.00 -40.90 -3.78
N PHE A 427 7.65 -40.89 -4.94
CA PHE A 427 8.05 -39.61 -5.53
C PHE A 427 6.83 -38.78 -5.93
N GLN A 428 5.79 -39.44 -6.46
CA GLN A 428 4.55 -38.72 -6.78
C GLN A 428 3.92 -38.14 -5.52
N LEU A 429 3.94 -38.90 -4.43
CA LEU A 429 3.41 -38.38 -3.16
C LEU A 429 4.23 -37.20 -2.66
N SER A 430 5.53 -37.17 -2.97
CA SER A 430 6.41 -36.14 -2.42
C SER A 430 6.02 -34.74 -2.87
N LEU A 431 5.68 -34.57 -4.14
CA LEU A 431 5.57 -33.23 -4.71
C LEU A 431 4.54 -32.34 -4.04
N PRO A 432 3.29 -32.78 -3.79
CA PRO A 432 2.31 -31.85 -3.17
C PRO A 432 2.69 -31.39 -1.77
N LEU A 433 3.54 -32.14 -1.06
CA LEU A 433 3.90 -31.81 0.32
C LEU A 433 5.10 -30.86 0.40
N ASN A 434 5.38 -30.10 -0.64
CA ASN A 434 6.53 -29.20 -0.67
C ASN A 434 6.17 -27.76 -0.36
N PHE A 435 4.92 -27.47 -0.03
CA PHE A 435 4.49 -26.10 0.27
C PHE A 435 3.63 -26.06 1.52
N LEU A 436 3.85 -27.03 2.42
CA LEU A 436 3.00 -27.15 3.60
C LEU A 436 3.13 -25.93 4.51
N GLY A 437 4.35 -25.45 4.74
CA GLY A 437 4.53 -24.29 5.59
C GLY A 437 3.84 -23.05 5.05
N SER A 438 4.02 -22.79 3.75
CA SER A 438 3.39 -21.61 3.15
C SER A 438 1.88 -21.69 3.21
N VAL A 439 1.31 -22.86 2.84
CA VAL A 439 -0.14 -22.94 2.86
C VAL A 439 -0.67 -22.86 4.28
N TYR A 440 0.05 -23.40 5.27
CA TYR A 440 -0.41 -23.32 6.65
C TYR A 440 -0.42 -21.87 7.14
N ARG A 441 0.68 -21.14 6.89
CA ARG A 441 0.75 -19.76 7.34
C ARG A 441 -0.34 -18.91 6.68
N GLU A 442 -0.50 -19.07 5.36
CA GLU A 442 -1.51 -18.28 4.67
C GLU A 442 -2.92 -18.67 5.10
N THR A 443 -3.14 -19.95 5.42
CA THR A 443 -4.46 -20.36 5.93
C THR A 443 -4.76 -19.72 7.27
N ILE A 444 -3.77 -19.65 8.16
CA ILE A 444 -3.98 -18.98 9.45
C ILE A 444 -4.32 -17.51 9.24
N GLN A 445 -3.55 -16.83 8.38
CA GLN A 445 -3.81 -15.42 8.14
C GLN A 445 -5.20 -15.20 7.55
N SER A 446 -5.58 -16.03 6.57
CA SER A 446 -6.89 -15.90 5.95
C SER A 446 -8.01 -16.18 6.94
N LEU A 447 -7.80 -17.15 7.85
CA LEU A 447 -8.81 -17.41 8.87
C LEU A 447 -9.00 -16.21 9.77
N VAL A 448 -7.91 -15.56 10.17
CA VAL A 448 -8.03 -14.35 10.99
C VAL A 448 -8.80 -13.26 10.24
N ASP A 449 -8.47 -13.06 8.97
CA ASP A 449 -9.13 -12.02 8.19
C ASP A 449 -10.62 -12.31 7.99
N MET A 450 -10.96 -13.59 7.75
CA MET A 450 -12.36 -13.99 7.65
C MET A 450 -13.11 -13.71 8.94
N LYS A 451 -12.48 -14.03 10.08
CA LYS A 451 -13.12 -13.74 11.36
C LYS A 451 -13.37 -12.24 11.51
N SER A 452 -12.41 -11.42 11.08
CA SER A 452 -12.59 -9.97 11.17
C SER A 452 -13.77 -9.51 10.32
N MET A 453 -13.83 -9.94 9.05
CA MET A 453 -14.96 -9.53 8.21
C MET A 453 -16.28 -9.94 8.82
N PHE A 454 -16.40 -11.22 9.20
CA PHE A 454 -17.68 -11.66 9.75
C PHE A 454 -17.96 -11.05 11.11
N GLN A 455 -16.95 -10.47 11.75
CA GLN A 455 -17.21 -9.63 12.92
C GLN A 455 -17.82 -8.30 12.52
N LEU A 456 -17.44 -7.77 11.35
CA LEU A 456 -18.10 -6.54 10.89
C LEU A 456 -19.59 -6.72 10.73
N LEU A 457 -20.04 -7.94 10.42
CA LEU A 457 -21.46 -8.21 10.28
C LEU A 457 -22.08 -8.43 11.66
N GLU A 458 -23.35 -8.84 11.67
CA GLU A 458 -24.12 -9.12 12.89
C GLU A 458 -23.95 -8.02 13.95
N GLU A 459 -23.84 -6.79 13.48
CA GLU A 459 -23.71 -5.63 14.36
C GLU A 459 -25.06 -4.94 14.49
N LYS A 460 -25.52 -4.78 15.73
CA LYS A 460 -26.85 -4.22 15.98
C LYS A 460 -26.86 -2.72 15.73
N SER A 461 -28.05 -2.22 15.39
CA SER A 461 -28.28 -0.78 15.19
C SER A 461 -29.03 -0.23 16.39
N ASP A 462 -28.56 0.91 16.90
CA ASP A 462 -29.13 1.46 18.12
C ASP A 462 -30.60 1.85 17.92
N ILE A 463 -30.91 2.48 16.79
CA ILE A 463 -32.28 2.94 16.51
C ILE A 463 -32.95 1.94 15.57
N THR A 464 -34.19 1.59 15.88
CA THR A 464 -34.95 0.66 15.07
C THR A 464 -36.39 1.15 15.00
N ASN A 465 -37.09 0.70 13.96
CA ASN A 465 -38.49 1.05 13.75
C ASN A 465 -39.40 -0.03 14.34
N THR A 466 -40.44 0.41 15.03
CA THR A 466 -41.37 -0.53 15.66
C THR A 466 -42.22 -1.22 14.59
N SER A 467 -42.68 -2.43 14.93
CA SER A 467 -43.53 -3.18 14.01
C SER A 467 -44.91 -2.55 13.84
N ASP A 468 -45.34 -1.73 14.80
CA ASP A 468 -46.63 -1.06 14.74
C ASP A 468 -46.52 0.33 14.13
N ALA A 469 -45.41 0.65 13.48
CA ALA A 469 -45.22 1.96 12.89
C ALA A 469 -46.16 2.17 11.72
N LYS A 470 -46.52 3.43 11.48
CA LYS A 470 -47.42 3.81 10.41
C LYS A 470 -46.76 4.87 9.55
N PRO A 471 -47.10 4.93 8.26
CA PRO A 471 -46.61 6.02 7.41
C PRO A 471 -47.13 7.37 7.91
N LEU A 472 -46.29 8.39 7.76
CA LEU A 472 -46.62 9.72 8.22
C LEU A 472 -47.39 10.47 7.14
N VAL A 473 -48.53 11.05 7.52
CA VAL A 473 -49.36 11.79 6.59
C VAL A 473 -49.17 13.28 6.84
N LEU A 474 -48.94 14.04 5.77
CA LEU A 474 -48.70 15.47 5.86
C LEU A 474 -49.99 16.22 5.54
N LYS A 475 -50.41 17.08 6.47
CA LYS A 475 -51.57 17.95 6.27
C LYS A 475 -51.21 19.41 6.56
N GLY A 476 -49.93 19.75 6.51
CA GLY A 476 -49.45 21.05 6.95
C GLY A 476 -48.56 20.91 8.16
N GLY A 477 -47.25 21.03 7.95
CA GLY A 477 -46.27 20.78 8.99
C GLY A 477 -46.44 21.64 10.24
N ASN A 478 -46.44 20.99 11.39
CA ASN A 478 -46.54 21.66 12.69
C ASN A 478 -45.47 21.05 13.59
N ILE A 479 -44.30 21.68 13.64
CA ILE A 479 -43.19 21.18 14.44
C ILE A 479 -43.36 21.67 15.87
N GLU A 480 -43.32 20.74 16.82
CA GLU A 480 -43.48 21.04 18.24
C GLU A 480 -42.44 20.27 19.03
N PHE A 481 -41.75 20.96 19.94
CA PHE A 481 -40.74 20.36 20.80
C PHE A 481 -41.22 20.43 22.24
N GLU A 482 -40.97 19.36 23.01
CA GLU A 482 -41.44 19.26 24.38
C GLU A 482 -40.30 18.76 25.28
N ASN A 483 -39.49 19.70 25.77
CA ASN A 483 -38.49 19.44 26.81
C ASN A 483 -37.55 18.28 26.40
N VAL A 484 -36.79 18.53 25.34
CA VAL A 484 -35.88 17.52 24.82
C VAL A 484 -34.54 17.64 25.55
N HIS A 485 -34.08 16.53 26.13
CA HIS A 485 -32.78 16.45 26.79
C HIS A 485 -31.89 15.50 26.01
N PHE A 486 -30.64 15.91 25.78
CA PHE A 486 -29.69 15.06 25.07
C PHE A 486 -28.28 15.44 25.45
N SER A 487 -27.38 14.46 25.39
CA SER A 487 -25.96 14.68 25.58
C SER A 487 -25.21 13.61 24.79
N TYR A 488 -24.37 14.04 23.86
CA TYR A 488 -23.58 13.09 23.07
C TYR A 488 -22.67 12.26 23.97
N LEU A 489 -21.99 12.91 24.90
CA LEU A 489 -21.17 12.24 25.89
C LEU A 489 -21.66 12.66 27.29
N PRO A 490 -21.86 11.70 28.20
CA PRO A 490 -22.55 12.02 29.45
C PRO A 490 -21.87 13.08 30.30
N GLU A 491 -20.57 13.32 30.11
CA GLU A 491 -19.88 14.35 30.86
C GLU A 491 -20.20 15.76 30.42
N ARG A 492 -20.87 15.93 29.27
CA ARG A 492 -21.20 17.25 28.76
C ARG A 492 -22.58 17.20 28.11
N LYS A 493 -23.49 18.03 28.59
CA LYS A 493 -24.84 18.12 28.06
C LYS A 493 -24.99 19.38 27.23
N ILE A 494 -25.50 19.24 26.01
CA ILE A 494 -25.65 20.37 25.10
C ILE A 494 -27.10 20.64 24.72
N LEU A 495 -28.02 19.71 24.96
CA LEU A 495 -29.45 19.93 24.74
C LEU A 495 -30.15 19.83 26.10
N ASP A 496 -30.82 20.91 26.50
CA ASP A 496 -31.49 20.98 27.80
C ASP A 496 -32.89 21.58 27.63
N GLY A 497 -33.88 20.72 27.40
CA GLY A 497 -35.28 21.09 27.45
C GLY A 497 -35.72 22.19 26.52
N ILE A 498 -35.33 22.12 25.25
CA ILE A 498 -35.81 23.09 24.27
C ILE A 498 -37.23 22.74 23.87
N SER A 499 -38.11 23.74 23.86
CA SER A 499 -39.54 23.50 23.66
C SER A 499 -40.14 24.52 22.71
N PHE A 500 -39.49 24.77 21.58
CA PHE A 500 -40.03 25.69 20.59
C PHE A 500 -41.13 25.01 19.77
N VAL A 501 -42.08 25.82 19.31
CA VAL A 501 -43.20 25.35 18.49
C VAL A 501 -43.23 26.18 17.22
N VAL A 502 -43.31 25.51 16.08
CA VAL A 502 -43.30 26.15 14.77
C VAL A 502 -44.70 26.03 14.17
N PRO A 503 -45.33 27.14 13.78
CA PRO A 503 -46.67 27.05 13.17
C PRO A 503 -46.62 26.51 11.75
N ALA A 504 -47.77 26.46 11.09
CA ALA A 504 -47.86 25.96 9.72
C ALA A 504 -47.53 27.05 8.72
N GLY A 505 -46.58 26.77 7.84
CA GLY A 505 -46.18 27.72 6.81
C GLY A 505 -45.50 28.97 7.35
N LYS A 506 -44.62 28.82 8.35
CA LYS A 506 -43.92 29.94 8.94
C LYS A 506 -42.42 29.67 8.93
N SER A 507 -41.64 30.75 8.98
CA SER A 507 -40.18 30.67 8.96
C SER A 507 -39.64 30.99 10.35
N VAL A 508 -38.86 30.07 10.90
CA VAL A 508 -38.28 30.23 12.22
C VAL A 508 -36.77 30.19 12.11
N ALA A 509 -36.10 31.07 12.85
CA ALA A 509 -34.66 31.19 12.81
C ALA A 509 -34.08 30.90 14.19
N ILE A 510 -32.95 30.19 14.20
CA ILE A 510 -32.25 29.83 15.42
C ILE A 510 -30.88 30.49 15.39
N VAL A 511 -30.54 31.24 16.44
CA VAL A 511 -29.28 31.94 16.52
C VAL A 511 -28.64 31.66 17.87
N GLY A 512 -27.32 31.83 17.92
CA GLY A 512 -26.58 31.59 19.15
C GLY A 512 -25.09 31.56 18.89
N THR A 513 -24.36 31.01 19.84
CA THR A 513 -22.92 30.87 19.74
C THR A 513 -22.56 29.44 19.35
N SER A 514 -21.26 29.14 19.34
CA SER A 514 -20.80 27.80 19.01
C SER A 514 -21.31 26.78 20.03
N GLY A 515 -21.29 27.14 21.31
CA GLY A 515 -21.75 26.26 22.36
C GLY A 515 -23.24 26.17 22.55
N SER A 516 -24.00 26.94 21.77
CA SER A 516 -25.47 26.87 21.86
C SER A 516 -25.97 25.49 21.46
N GLY A 517 -25.37 24.89 20.44
CA GLY A 517 -25.78 23.58 19.98
C GLY A 517 -26.78 23.64 18.84
N LYS A 518 -26.57 24.58 17.93
CA LYS A 518 -27.47 24.76 16.80
C LYS A 518 -27.31 23.68 15.73
N SER A 519 -26.24 22.90 15.77
CA SER A 519 -25.95 21.95 14.72
C SER A 519 -26.57 20.57 14.95
N THR A 520 -27.36 20.40 16.00
CA THR A 520 -27.93 19.10 16.33
C THR A 520 -29.44 19.03 16.17
N ILE A 521 -30.14 20.16 16.07
CA ILE A 521 -31.59 20.14 15.95
C ILE A 521 -32.00 19.46 14.64
N LEU A 522 -31.25 19.73 13.56
CA LEU A 522 -31.55 19.08 12.30
C LEU A 522 -31.34 17.57 12.39
N ARG A 523 -30.29 17.15 13.10
CA ARG A 523 -30.07 15.72 13.29
C ARG A 523 -31.21 15.07 14.08
N MET A 524 -31.68 15.74 15.13
CA MET A 524 -32.78 15.19 15.91
C MET A 524 -34.06 15.10 15.09
N LEU A 525 -34.37 16.15 14.32
CA LEU A 525 -35.58 16.13 13.51
C LEU A 525 -35.47 15.09 12.40
N PHE A 526 -34.26 14.84 11.90
CA PHE A 526 -34.03 13.75 10.96
C PHE A 526 -33.79 12.42 11.64
N ARG A 527 -33.73 12.41 12.98
CA ARG A 527 -33.57 11.19 13.77
C ARG A 527 -32.29 10.44 13.41
N PHE A 528 -31.18 11.18 13.33
CA PHE A 528 -29.88 10.52 13.27
C PHE A 528 -29.52 9.91 14.61
N PHE A 529 -29.74 10.66 15.69
CA PHE A 529 -29.70 10.14 17.05
C PHE A 529 -31.13 10.05 17.58
N ASP A 530 -31.26 9.70 18.86
CA ASP A 530 -32.57 9.58 19.48
C ASP A 530 -32.57 10.38 20.78
N THR A 531 -33.73 10.98 21.08
CA THR A 531 -33.84 11.84 22.25
C THR A 531 -33.78 11.01 23.52
N ASP A 532 -32.95 11.44 24.47
CA ASP A 532 -32.85 10.74 25.75
C ASP A 532 -34.16 10.81 26.53
N SER A 533 -34.78 11.99 26.56
CA SER A 533 -36.05 12.16 27.26
C SER A 533 -36.74 13.39 26.68
N GLY A 534 -37.85 13.17 25.99
CA GLY A 534 -38.57 14.28 25.39
C GLY A 534 -39.58 13.78 24.38
N ASN A 535 -40.23 14.74 23.74
CA ASN A 535 -41.26 14.45 22.75
C ASN A 535 -41.14 15.43 21.58
N ILE A 536 -41.26 14.90 20.37
CA ILE A 536 -41.26 15.70 19.15
C ILE A 536 -42.59 15.45 18.45
N ARG A 537 -43.34 16.52 18.20
CA ARG A 537 -44.65 16.45 17.57
C ARG A 537 -44.56 17.11 16.20
N ILE A 538 -44.68 16.31 15.15
CA ILE A 538 -44.67 16.80 13.77
C ILE A 538 -46.05 16.62 13.19
N ASP A 539 -46.69 17.73 12.83
CA ASP A 539 -48.05 17.73 12.28
C ASP A 539 -49.00 16.97 13.21
N GLY A 540 -48.84 17.20 14.51
CA GLY A 540 -49.65 16.50 15.50
C GLY A 540 -49.44 15.00 15.53
N GLN A 541 -48.20 14.55 15.36
CA GLN A 541 -47.90 13.12 15.38
C GLN A 541 -46.51 12.92 15.97
N ASP A 542 -46.32 11.79 16.65
CA ASP A 542 -45.05 11.51 17.31
C ASP A 542 -44.04 10.92 16.34
N ILE A 543 -42.78 11.29 16.54
CA ILE A 543 -41.70 10.82 15.67
C ILE A 543 -41.42 9.33 15.88
N LYS A 544 -41.43 8.89 17.14
CA LYS A 544 -40.85 7.59 17.47
C LYS A 544 -41.59 6.43 16.81
N GLU A 545 -42.91 6.41 16.91
CA GLU A 545 -43.69 5.24 16.51
C GLU A 545 -44.30 5.38 15.12
N VAL A 546 -43.59 6.02 14.19
CA VAL A 546 -43.99 6.07 12.80
C VAL A 546 -42.87 5.48 11.94
N ARG A 547 -43.23 5.08 10.74
CA ARG A 547 -42.24 4.58 9.79
C ARG A 547 -41.21 5.67 9.52
N LEU A 548 -39.93 5.32 9.62
CA LEU A 548 -38.89 6.33 9.45
C LEU A 548 -38.72 6.72 7.99
N ASP A 549 -39.04 5.82 7.06
CA ASP A 549 -38.90 6.14 5.64
C ASP A 549 -39.76 7.33 5.25
N SER A 550 -40.96 7.44 5.82
CA SER A 550 -41.83 8.56 5.49
C SER A 550 -41.20 9.89 5.90
N LEU A 551 -40.62 9.97 7.09
CA LEU A 551 -40.01 11.22 7.51
C LEU A 551 -38.70 11.48 6.77
N ARG A 552 -37.97 10.43 6.40
CA ARG A 552 -36.79 10.63 5.56
C ARG A 552 -37.19 11.21 4.20
N SER A 553 -38.29 10.74 3.64
CA SER A 553 -38.73 11.22 2.33
C SER A 553 -39.39 12.60 2.41
N SER A 554 -39.95 12.97 3.55
CA SER A 554 -40.66 14.23 3.68
C SER A 554 -39.82 15.35 4.28
N ILE A 555 -38.50 15.17 4.39
CA ILE A 555 -37.61 16.19 4.94
C ILE A 555 -36.51 16.45 3.92
N GLY A 556 -36.26 17.72 3.63
CA GLY A 556 -35.15 18.12 2.78
C GLY A 556 -34.19 19.01 3.56
N VAL A 557 -32.90 18.84 3.29
CA VAL A 557 -31.86 19.52 4.05
C VAL A 557 -30.86 20.14 3.09
N VAL A 558 -30.20 21.20 3.57
CA VAL A 558 -29.13 21.86 2.83
C VAL A 558 -27.86 21.82 3.69
N PRO A 559 -26.93 20.93 3.38
CA PRO A 559 -25.71 20.82 4.19
C PRO A 559 -24.81 22.04 4.05
N GLN A 560 -23.95 22.22 5.05
CA GLN A 560 -22.98 23.33 5.01
C GLN A 560 -22.03 23.17 3.84
N ASP A 561 -21.38 22.01 3.73
CA ASP A 561 -20.40 21.74 2.69
C ASP A 561 -20.77 20.45 1.95
N THR A 562 -21.64 20.58 0.96
CA THR A 562 -22.03 19.43 0.16
C THR A 562 -20.86 18.96 -0.69
N VAL A 563 -20.77 17.64 -0.88
CA VAL A 563 -19.70 17.03 -1.66
C VAL A 563 -20.27 16.61 -3.00
N LEU A 564 -19.63 17.05 -4.07
CA LEU A 564 -20.05 16.71 -5.42
C LEU A 564 -19.36 15.41 -5.83
N PHE A 565 -20.15 14.44 -6.28
CA PHE A 565 -19.60 13.16 -6.68
C PHE A 565 -18.74 13.32 -7.93
N ASN A 566 -17.73 12.45 -8.04
CA ASN A 566 -16.81 12.48 -9.18
C ASN A 566 -17.47 11.85 -10.42
N ASP A 567 -18.54 12.51 -10.86
CA ASP A 567 -19.30 12.07 -12.03
C ASP A 567 -19.74 13.31 -12.79
N THR A 568 -20.66 13.11 -13.74
CA THR A 568 -21.12 14.23 -14.55
C THR A 568 -22.03 15.15 -13.73
N ILE A 569 -22.13 16.40 -14.19
CA ILE A 569 -22.93 17.40 -13.49
C ILE A 569 -24.40 17.02 -13.51
N PHE A 570 -24.88 16.50 -14.65
CA PHE A 570 -26.29 16.16 -14.75
C PHE A 570 -26.68 15.06 -13.77
N HIS A 571 -25.79 14.08 -13.57
CA HIS A 571 -26.06 13.04 -12.58
C HIS A 571 -26.14 13.64 -11.18
N ASN A 572 -25.24 14.56 -10.84
CA ASN A 572 -25.26 15.17 -9.51
C ASN A 572 -26.54 15.97 -9.30
N ILE A 573 -27.01 16.68 -10.33
CA ILE A 573 -28.27 17.42 -10.19
C ILE A 573 -29.44 16.45 -10.09
N HIS A 574 -29.40 15.35 -10.84
CA HIS A 574 -30.48 14.37 -10.82
C HIS A 574 -30.49 13.53 -9.54
N TYR A 575 -29.40 13.58 -8.77
CA TYR A 575 -29.32 12.79 -7.54
C TYR A 575 -30.43 13.13 -6.55
N GLY A 576 -31.04 14.31 -6.67
CA GLY A 576 -32.08 14.68 -5.72
C GLY A 576 -33.27 13.76 -5.75
N ARG A 577 -33.69 13.34 -6.94
CA ARG A 577 -34.87 12.47 -7.08
C ARG A 577 -34.66 11.56 -8.27
N LEU A 578 -34.46 10.27 -8.00
CA LEU A 578 -34.30 9.31 -9.07
C LEU A 578 -35.60 9.13 -9.84
N SER A 579 -35.49 8.56 -11.03
CA SER A 579 -36.63 8.34 -11.92
C SER A 579 -37.34 9.65 -12.25
N ALA A 580 -36.55 10.68 -12.55
CA ALA A 580 -37.07 12.00 -12.89
C ALA A 580 -36.75 12.32 -14.34
N THR A 581 -37.69 12.96 -15.02
CA THR A 581 -37.51 13.33 -16.42
C THR A 581 -36.43 14.40 -16.56
N GLU A 582 -35.82 14.45 -17.74
CA GLU A 582 -34.75 15.40 -17.99
C GLU A 582 -35.26 16.84 -17.99
N GLU A 583 -36.50 17.05 -18.45
CA GLU A 583 -37.05 18.40 -18.47
C GLU A 583 -37.26 18.94 -17.06
N GLU A 584 -37.66 18.08 -16.12
CA GLU A 584 -37.80 18.52 -14.73
C GLU A 584 -36.46 18.97 -14.17
N VAL A 585 -35.41 18.20 -14.43
CA VAL A 585 -34.07 18.60 -13.99
C VAL A 585 -33.65 19.91 -14.63
N TYR A 586 -33.94 20.07 -15.93
CA TYR A 586 -33.53 21.28 -16.63
C TYR A 586 -34.23 22.51 -16.06
N GLU A 587 -35.54 22.40 -15.82
CA GLU A 587 -36.28 23.55 -15.27
C GLU A 587 -35.90 23.81 -13.81
N ALA A 588 -35.58 22.76 -13.05
CA ALA A 588 -35.11 22.98 -11.68
C ALA A 588 -33.77 23.71 -11.67
N ALA A 589 -32.87 23.33 -12.58
CA ALA A 589 -31.60 24.04 -12.69
C ALA A 589 -31.81 25.49 -13.14
N ARG A 590 -32.74 25.70 -14.07
CA ARG A 590 -33.00 27.05 -14.56
C ARG A 590 -33.57 27.93 -13.45
N ARG A 591 -34.48 27.40 -12.63
CA ARG A 591 -35.05 28.21 -11.56
C ARG A 591 -34.03 28.52 -10.48
N ALA A 592 -33.09 27.62 -10.23
CA ALA A 592 -32.04 27.85 -9.25
C ALA A 592 -30.98 28.83 -9.74
N ALA A 593 -31.18 29.44 -10.91
CA ALA A 593 -30.24 30.41 -11.47
C ALA A 593 -28.85 29.82 -11.65
N ILE A 594 -28.80 28.54 -12.06
CA ILE A 594 -27.53 27.87 -12.34
C ILE A 594 -27.38 27.50 -13.80
N HIS A 595 -28.45 27.55 -14.60
CA HIS A 595 -28.36 27.15 -16.01
C HIS A 595 -27.37 28.02 -16.77
N GLU A 596 -27.41 29.34 -16.54
CA GLU A 596 -26.48 30.23 -17.21
C GLU A 596 -25.04 29.90 -16.85
N THR A 597 -24.77 29.63 -15.58
CA THR A 597 -23.41 29.32 -15.15
C THR A 597 -22.93 27.99 -15.74
N ILE A 598 -23.78 26.96 -15.70
CA ILE A 598 -23.36 25.66 -16.22
C ILE A 598 -23.32 25.63 -17.74
N SER A 599 -23.91 26.61 -18.40
CA SER A 599 -23.80 26.69 -19.85
C SER A 599 -22.40 27.11 -20.30
N ASN A 600 -21.55 27.55 -19.38
CA ASN A 600 -20.28 28.16 -19.74
C ASN A 600 -19.08 27.22 -19.63
N PHE A 601 -19.26 25.98 -19.17
CA PHE A 601 -18.17 25.02 -19.26
C PHE A 601 -17.93 24.61 -20.71
N PRO A 602 -16.74 24.08 -21.01
CA PRO A 602 -16.46 23.66 -22.40
C PRO A 602 -17.46 22.67 -22.95
N ASP A 603 -18.03 21.82 -22.11
CA ASP A 603 -19.08 20.90 -22.51
C ASP A 603 -20.32 21.17 -21.67
N LYS A 604 -21.48 21.09 -22.33
CA LYS A 604 -22.75 21.45 -21.71
C LYS A 604 -23.43 20.21 -21.17
N TYR A 605 -23.95 20.31 -19.94
CA TYR A 605 -24.69 19.26 -19.26
C TYR A 605 -23.87 17.99 -19.03
N SER A 606 -22.56 18.04 -19.27
CA SER A 606 -21.73 16.84 -19.09
C SER A 606 -20.28 17.28 -18.94
N THR A 607 -19.71 17.03 -17.77
CA THR A 607 -18.30 17.29 -17.52
C THR A 607 -17.91 16.59 -16.22
N ILE A 608 -16.60 16.41 -16.03
CA ILE A 608 -16.10 15.82 -14.80
C ILE A 608 -15.97 16.92 -13.76
N VAL A 609 -16.67 16.75 -12.64
CA VAL A 609 -16.73 17.77 -11.59
C VAL A 609 -16.30 17.15 -10.28
N GLY A 610 -15.70 17.98 -9.43
CA GLY A 610 -15.16 17.51 -8.16
C GLY A 610 -13.70 17.13 -8.25
N GLU A 611 -13.28 16.15 -7.47
CA GLU A 611 -11.91 15.67 -7.54
C GLU A 611 -11.64 15.01 -8.88
N ARG A 612 -10.39 15.09 -9.32
CA ARG A 612 -9.97 14.59 -10.63
C ARG A 612 -10.80 15.24 -11.74
N GLY A 613 -11.12 16.52 -11.57
CA GLY A 613 -11.91 17.24 -12.54
C GLY A 613 -11.82 18.73 -12.28
N LEU A 614 -12.61 19.48 -13.04
CA LEU A 614 -12.62 20.94 -12.89
C LEU A 614 -13.17 21.33 -11.54
N LYS A 615 -12.57 22.36 -10.95
CA LYS A 615 -13.03 22.87 -9.66
C LYS A 615 -14.30 23.69 -9.84
N LEU A 616 -15.18 23.64 -8.84
CA LEU A 616 -16.43 24.36 -8.84
C LEU A 616 -16.45 25.34 -7.68
N SER A 617 -16.96 26.55 -7.94
CA SER A 617 -16.94 27.60 -6.95
C SER A 617 -17.86 27.27 -5.77
N GLY A 618 -17.53 27.84 -4.61
CA GLY A 618 -18.35 27.60 -3.43
C GLY A 618 -19.77 28.08 -3.60
N GLY A 619 -19.95 29.26 -4.19
CA GLY A 619 -21.29 29.71 -4.51
C GLY A 619 -21.98 28.81 -5.51
N GLU A 620 -21.24 28.36 -6.53
CA GLU A 620 -21.79 27.40 -7.48
C GLU A 620 -22.13 26.08 -6.80
N LYS A 621 -21.30 25.64 -5.86
CA LYS A 621 -21.58 24.41 -5.13
C LYS A 621 -22.85 24.53 -4.30
N GLN A 622 -23.02 25.66 -3.61
CA GLN A 622 -24.24 25.89 -2.85
C GLN A 622 -25.45 25.97 -3.76
N ARG A 623 -25.28 26.56 -4.95
CA ARG A 623 -26.38 26.61 -5.91
C ARG A 623 -26.75 25.21 -6.40
N VAL A 624 -25.75 24.35 -6.59
CA VAL A 624 -26.02 22.96 -6.95
C VAL A 624 -26.81 22.27 -5.85
N ALA A 625 -26.42 22.49 -4.60
CA ALA A 625 -27.15 21.89 -3.49
C ALA A 625 -28.59 22.38 -3.43
N LEU A 626 -28.79 23.69 -3.64
CA LEU A 626 -30.13 24.26 -3.62
C LEU A 626 -30.97 23.69 -4.76
N ALA A 627 -30.38 23.54 -5.95
CA ALA A 627 -31.11 22.93 -7.05
C ALA A 627 -31.48 21.49 -6.74
N ARG A 628 -30.57 20.76 -6.09
CA ARG A 628 -30.84 19.37 -5.72
C ARG A 628 -32.04 19.29 -4.77
N THR A 629 -32.00 20.07 -3.69
CA THR A 629 -33.13 20.05 -2.74
C THR A 629 -34.39 20.63 -3.33
N PHE A 630 -34.28 21.47 -4.37
CA PHE A 630 -35.46 21.94 -5.08
C PHE A 630 -36.07 20.82 -5.92
N LEU A 631 -35.22 20.01 -6.54
CA LEU A 631 -35.71 18.85 -7.28
C LEU A 631 -36.38 17.86 -6.35
N LYS A 632 -35.83 17.66 -5.15
CA LYS A 632 -36.45 16.72 -4.21
C LYS A 632 -37.86 17.17 -3.84
N SER A 633 -38.05 18.48 -3.65
CA SER A 633 -39.36 19.09 -3.38
C SER A 633 -40.01 18.48 -2.14
N PRO A 634 -39.47 18.74 -0.95
CA PRO A 634 -40.04 18.16 0.27
C PRO A 634 -41.13 19.07 0.86
N ALA A 635 -41.67 18.62 1.99
CA ALA A 635 -42.67 19.39 2.72
C ALA A 635 -42.06 20.28 3.79
N ILE A 636 -40.94 19.88 4.38
CA ILE A 636 -40.24 20.67 5.39
C ILE A 636 -38.78 20.75 4.99
N LEU A 637 -38.21 21.96 5.03
CA LEU A 637 -36.83 22.18 4.65
C LEU A 637 -36.05 22.77 5.81
N LEU A 638 -34.77 22.40 5.89
CA LEU A 638 -33.86 22.91 6.91
C LEU A 638 -32.56 23.34 6.25
N CYS A 639 -32.06 24.50 6.63
CA CYS A 639 -30.82 25.03 6.08
C CYS A 639 -29.85 25.35 7.21
N ASP A 640 -28.62 25.69 6.84
CA ASP A 640 -27.59 26.01 7.82
C ASP A 640 -26.76 27.24 7.50
N GLU A 641 -26.79 27.75 6.27
CA GLU A 641 -26.14 29.01 5.90
C GLU A 641 -24.64 28.94 6.23
N ALA A 642 -23.96 28.08 5.49
CA ALA A 642 -22.53 27.87 5.70
C ALA A 642 -21.75 29.17 5.55
N THR A 643 -20.75 29.34 6.41
CA THR A 643 -19.94 30.56 6.41
C THR A 643 -18.95 30.52 5.25
N SER A 644 -18.99 31.55 4.41
CA SER A 644 -18.07 31.66 3.29
C SER A 644 -18.05 33.09 2.81
N ALA A 645 -16.90 33.53 2.33
CA ALA A 645 -16.78 34.85 1.75
C ALA A 645 -17.60 34.94 0.46
N LEU A 646 -18.38 36.00 0.33
CA LEU A 646 -19.30 36.11 -0.79
C LEU A 646 -19.62 37.57 -1.04
N ASP A 647 -19.84 37.91 -2.31
CA ASP A 647 -20.17 39.27 -2.70
C ASP A 647 -21.67 39.53 -2.51
N SER A 648 -22.02 40.83 -2.50
CA SER A 648 -23.38 41.23 -2.19
C SER A 648 -24.38 40.73 -3.22
N THR A 649 -24.03 40.78 -4.51
CA THR A 649 -24.97 40.41 -5.56
C THR A 649 -25.34 38.92 -5.48
N THR A 650 -24.33 38.05 -5.37
CA THR A 650 -24.63 36.63 -5.28
C THR A 650 -25.28 36.28 -3.96
N GLU A 651 -24.96 37.01 -2.89
CA GLU A 651 -25.66 36.80 -1.62
C GLU A 651 -27.15 37.12 -1.76
N ALA A 652 -27.48 38.24 -2.42
CA ALA A 652 -28.88 38.56 -2.65
C ALA A 652 -29.53 37.53 -3.55
N GLU A 653 -28.81 37.03 -4.56
CA GLU A 653 -29.35 36.02 -5.45
C GLU A 653 -29.68 34.74 -4.70
N ILE A 654 -28.77 34.26 -3.85
CA ILE A 654 -29.02 33.03 -3.12
C ILE A 654 -30.09 33.23 -2.07
N LEU A 655 -30.19 34.42 -1.48
CA LEU A 655 -31.28 34.70 -0.56
C LEU A 655 -32.63 34.66 -1.27
N ASN A 656 -32.70 35.23 -2.48
CA ASN A 656 -33.93 35.15 -3.26
C ASN A 656 -34.26 33.71 -3.61
N ALA A 657 -33.25 32.92 -3.97
CA ALA A 657 -33.48 31.52 -4.28
C ALA A 657 -34.01 30.76 -3.06
N LEU A 658 -33.42 31.01 -1.89
CA LEU A 658 -33.90 30.36 -0.67
C LEU A 658 -35.32 30.79 -0.31
N LYS A 659 -35.64 32.07 -0.52
CA LYS A 659 -37.00 32.54 -0.28
C LYS A 659 -37.98 31.84 -1.21
N ALA A 660 -37.61 31.69 -2.48
CA ALA A 660 -38.47 30.96 -3.41
C ALA A 660 -38.63 29.51 -3.00
N LEU A 661 -37.55 28.89 -2.52
CA LEU A 661 -37.62 27.50 -2.05
C LEU A 661 -38.55 27.36 -0.86
N ALA A 662 -38.48 28.30 0.08
CA ALA A 662 -39.27 28.25 1.31
C ALA A 662 -40.51 29.11 1.24
N SER A 663 -40.99 29.44 0.04
CA SER A 663 -42.16 30.31 -0.09
C SER A 663 -43.40 29.71 0.55
N ASN A 664 -43.65 28.41 0.34
CA ASN A 664 -44.89 27.79 0.80
C ASN A 664 -44.63 26.52 1.59
N ARG A 665 -43.54 26.48 2.38
CA ARG A 665 -43.23 25.32 3.18
C ARG A 665 -42.72 25.78 4.54
N THR A 666 -42.97 24.95 5.56
CA THR A 666 -42.42 25.20 6.88
C THR A 666 -40.90 25.08 6.84
N SER A 667 -40.21 26.03 7.46
CA SER A 667 -38.76 26.10 7.38
C SER A 667 -38.16 26.26 8.77
N ILE A 668 -37.00 25.64 8.95
CA ILE A 668 -36.20 25.77 10.17
C ILE A 668 -34.83 26.26 9.72
N PHE A 669 -34.57 27.55 9.90
CA PHE A 669 -33.34 28.18 9.44
C PHE A 669 -32.40 28.41 10.62
N ILE A 670 -31.13 28.05 10.44
CA ILE A 670 -30.06 28.45 11.34
C ILE A 670 -29.00 29.16 10.52
N ALA A 671 -28.55 30.31 11.00
CA ALA A 671 -27.67 31.17 10.23
C ALA A 671 -26.47 31.61 11.06
N HIS A 672 -25.27 31.38 10.53
CA HIS A 672 -24.08 31.93 11.15
C HIS A 672 -24.08 33.44 11.11
N ARG A 673 -24.45 34.02 9.96
CA ARG A 673 -24.51 35.46 9.80
C ARG A 673 -25.89 35.95 10.24
N LEU A 674 -25.93 36.75 11.30
CA LEU A 674 -27.19 37.24 11.86
C LEU A 674 -27.82 38.29 10.95
N THR A 675 -27.07 38.84 10.01
CA THR A 675 -27.63 39.84 9.10
C THR A 675 -28.72 39.26 8.21
N THR A 676 -28.79 37.94 8.10
CA THR A 676 -29.80 37.27 7.30
C THR A 676 -30.91 36.64 8.14
N ALA A 677 -30.96 36.93 9.44
CA ALA A 677 -31.89 36.21 10.31
C ALA A 677 -33.26 36.86 10.37
N MET A 678 -33.34 38.19 10.25
CA MET A 678 -34.63 38.87 10.36
C MET A 678 -35.53 38.63 9.16
N GLN A 679 -35.02 37.99 8.10
CA GLN A 679 -35.86 37.67 6.96
C GLN A 679 -36.97 36.70 7.34
N CYS A 680 -36.73 35.84 8.33
CA CYS A 680 -37.74 34.90 8.77
C CYS A 680 -38.83 35.62 9.58
N ASP A 681 -39.97 34.95 9.73
CA ASP A 681 -41.10 35.56 10.43
C ASP A 681 -40.84 35.63 11.93
N GLU A 682 -40.32 34.55 12.51
CA GLU A 682 -40.11 34.48 13.96
C GLU A 682 -38.68 34.01 14.24
N ILE A 683 -38.09 34.56 15.30
CA ILE A 683 -36.71 34.30 15.66
C ILE A 683 -36.66 33.78 17.08
N VAL A 684 -35.93 32.69 17.30
CA VAL A 684 -35.70 32.11 18.62
C VAL A 684 -34.19 32.09 18.86
N VAL A 685 -33.76 32.56 20.02
CA VAL A 685 -32.34 32.63 20.37
C VAL A 685 -32.04 31.53 21.39
N LEU A 686 -30.91 30.85 21.19
CA LEU A 686 -30.49 29.76 22.05
C LEU A 686 -29.14 30.10 22.67
N GLU A 687 -29.02 29.88 23.97
CA GLU A 687 -27.77 30.15 24.69
C GLU A 687 -27.48 28.97 25.61
N ASN A 688 -26.30 28.37 25.43
CA ASN A 688 -25.86 27.24 26.26
C ASN A 688 -26.89 26.11 26.28
N GLY A 689 -27.45 25.81 25.11
CA GLY A 689 -28.42 24.74 25.01
C GLY A 689 -29.70 24.99 25.79
N LYS A 690 -30.17 26.24 25.80
CA LYS A 690 -31.40 26.58 26.48
C LYS A 690 -32.03 27.80 25.81
N VAL A 691 -33.35 27.85 25.83
CA VAL A 691 -34.08 28.95 25.21
C VAL A 691 -33.99 30.18 26.10
N VAL A 692 -33.92 31.36 25.48
CA VAL A 692 -33.83 32.61 26.21
C VAL A 692 -35.03 33.48 25.85
N GLU A 693 -35.17 33.82 24.58
CA GLU A 693 -36.25 34.67 24.11
C GLU A 693 -36.69 34.21 22.72
N GLN A 694 -37.92 34.58 22.37
CA GLN A 694 -38.48 34.24 21.07
C GLN A 694 -39.33 35.40 20.58
N GLY A 695 -39.48 35.48 19.26
CA GLY A 695 -40.27 36.52 18.64
C GLY A 695 -39.50 37.26 17.57
N PRO A 696 -40.19 38.13 16.82
CA PRO A 696 -39.52 38.89 15.77
C PRO A 696 -38.48 39.85 16.34
N HIS A 697 -37.66 40.39 15.43
CA HIS A 697 -36.53 41.21 15.85
C HIS A 697 -36.98 42.55 16.44
N ASP A 698 -38.07 43.12 15.93
CA ASP A 698 -38.52 44.42 16.43
C ASP A 698 -38.92 44.35 17.90
N GLU A 699 -39.65 43.31 18.28
CA GLU A 699 -40.04 43.17 19.68
C GLU A 699 -38.83 42.80 20.55
N LEU A 700 -37.85 42.10 19.96
CA LEU A 700 -36.61 41.84 20.69
C LEU A 700 -35.88 43.14 21.00
N LEU A 701 -35.84 44.06 20.04
CA LEU A 701 -35.27 45.38 20.31
C LEU A 701 -36.08 46.13 21.34
N GLY A 702 -37.42 46.06 21.24
CA GLY A 702 -38.26 46.76 22.18
C GLY A 702 -38.06 46.30 23.61
N LYS A 703 -38.00 44.98 23.82
CA LYS A 703 -37.75 44.44 25.14
C LYS A 703 -36.27 44.46 25.52
N SER A 704 -35.38 44.74 24.56
CA SER A 704 -33.95 44.82 24.81
C SER A 704 -33.42 43.51 25.42
N GLY A 705 -33.70 42.40 24.75
CA GLY A 705 -33.26 41.11 25.20
C GLY A 705 -31.85 40.79 24.73
N ARG A 706 -31.52 39.50 24.79
CA ARG A 706 -30.19 39.06 24.37
C ARG A 706 -29.92 39.39 22.91
N TYR A 707 -30.97 39.43 22.08
CA TYR A 707 -30.79 39.74 20.66
C TYR A 707 -30.21 41.14 20.47
N ALA A 708 -30.57 42.07 21.34
CA ALA A 708 -29.97 43.41 21.29
C ALA A 708 -28.47 43.33 21.51
N GLN A 709 -28.03 42.51 22.48
CA GLN A 709 -26.61 42.31 22.67
C GLN A 709 -25.95 41.64 21.48
N LEU A 710 -26.65 40.67 20.87
CA LEU A 710 -26.11 40.04 19.66
C LEU A 710 -25.85 41.07 18.58
N TRP A 711 -26.78 42.01 18.37
CA TRP A 711 -26.53 43.07 17.40
C TRP A 711 -25.40 44.01 17.85
N THR A 712 -25.38 44.39 19.14
CA THR A 712 -24.39 45.37 19.59
C THR A 712 -22.97 44.85 19.44
N GLN A 713 -22.71 43.61 19.88
CA GLN A 713 -21.39 43.02 19.71
C GLN A 713 -21.24 42.23 18.42
N GLN A 714 -22.23 42.28 17.53
CA GLN A 714 -22.10 41.69 16.20
C GLN A 714 -22.15 42.74 15.09
N ASN A 715 -23.21 43.55 15.05
CA ASN A 715 -23.34 44.56 14.01
C ASN A 715 -22.73 45.89 14.40
N SER A 716 -22.61 46.18 15.70
CA SER A 716 -22.04 47.43 16.19
C SER A 716 -22.75 48.65 15.61
N ALA B 117 21.51 -0.55 -24.07
CA ALA B 117 22.55 0.13 -24.82
C ALA B 117 23.78 0.37 -23.95
N MET B 118 24.41 1.52 -24.13
CA MET B 118 25.58 1.87 -23.32
C MET B 118 25.19 2.02 -21.86
N ALA B 119 24.01 2.57 -21.58
CA ALA B 119 23.56 2.72 -20.21
C ALA B 119 23.41 1.37 -19.52
N ASP B 120 22.86 0.38 -20.24
CA ASP B 120 22.73 -0.96 -19.67
C ASP B 120 24.09 -1.56 -19.34
N MET B 121 25.07 -1.37 -20.24
CA MET B 121 26.41 -1.87 -19.99
C MET B 121 27.01 -1.19 -18.77
N LYS B 122 26.81 0.13 -18.63
CA LYS B 122 27.33 0.85 -17.48
C LYS B 122 26.68 0.35 -16.18
N ILE B 123 25.38 0.10 -16.22
CA ILE B 123 24.69 -0.41 -15.02
C ILE B 123 25.21 -1.79 -14.65
N LEU B 124 25.38 -2.67 -15.64
CA LEU B 124 25.91 -4.00 -15.35
C LEU B 124 27.32 -3.94 -14.80
N ARG B 125 28.17 -3.07 -15.35
CA ARG B 125 29.53 -2.92 -14.84
C ARG B 125 29.52 -2.37 -13.41
N THR B 126 28.66 -1.40 -13.14
CA THR B 126 28.56 -0.86 -11.79
C THR B 126 28.08 -1.93 -10.81
N LEU B 127 27.11 -2.75 -11.22
CA LEU B 127 26.66 -3.84 -10.37
C LEU B 127 27.76 -4.85 -10.11
N ALA B 128 28.54 -5.16 -11.14
CA ALA B 128 29.68 -6.07 -10.94
C ALA B 128 30.69 -5.48 -9.97
N GLY B 129 30.97 -4.19 -10.10
CA GLY B 129 31.90 -3.55 -9.17
C GLY B 129 31.38 -3.55 -7.74
N TYR B 130 30.09 -3.30 -7.56
CA TYR B 130 29.46 -3.33 -6.25
C TYR B 130 29.21 -4.75 -5.75
N LEU B 131 29.45 -5.76 -6.59
CA LEU B 131 29.34 -7.16 -6.17
C LEU B 131 30.68 -7.81 -5.89
N TRP B 132 31.78 -7.31 -6.48
CA TRP B 132 33.07 -7.98 -6.32
C TRP B 132 33.76 -7.59 -5.02
N MET B 133 34.02 -6.29 -4.84
CA MET B 133 34.77 -5.75 -3.70
C MET B 133 36.16 -6.39 -3.61
N ARG B 134 36.98 -6.05 -4.60
CA ARG B 134 38.34 -6.60 -4.68
C ARG B 134 39.17 -6.28 -3.45
N ASP B 135 38.81 -5.24 -2.68
CA ASP B 135 39.62 -4.84 -1.54
C ASP B 135 39.66 -5.93 -0.47
N ASN B 136 38.52 -6.55 -0.16
CA ASN B 136 38.51 -7.54 0.90
C ASN B 136 38.40 -8.95 0.34
N PRO B 137 38.98 -9.94 1.03
CA PRO B 137 38.98 -11.32 0.50
C PRO B 137 37.78 -12.17 0.90
N GLU B 138 37.05 -11.78 1.94
CA GLU B 138 35.95 -12.61 2.43
C GLU B 138 34.88 -12.82 1.37
N PHE B 139 34.54 -11.77 0.65
CA PHE B 139 33.48 -11.88 -0.35
C PHE B 139 33.94 -12.67 -1.57
N ARG B 140 35.21 -12.55 -1.94
CA ARG B 140 35.75 -13.41 -2.99
C ARG B 140 35.68 -14.89 -2.58
N PHE B 141 36.07 -15.17 -1.34
CA PHE B 141 35.98 -16.54 -0.84
C PHE B 141 34.53 -17.04 -0.87
N ARG B 142 33.59 -16.19 -0.46
CA ARG B 142 32.18 -16.60 -0.42
C ARG B 142 31.64 -16.86 -1.82
N VAL B 143 32.01 -16.02 -2.80
CA VAL B 143 31.58 -16.26 -4.17
C VAL B 143 32.15 -17.57 -4.70
N ILE B 144 33.43 -17.83 -4.42
CA ILE B 144 34.04 -19.08 -4.86
C ILE B 144 33.32 -20.27 -4.24
N ALA B 145 33.01 -20.18 -2.94
CA ALA B 145 32.28 -21.26 -2.29
C ALA B 145 30.90 -21.46 -2.91
N ALA B 146 30.24 -20.35 -3.28
CA ALA B 146 28.92 -20.47 -3.91
C ALA B 146 29.00 -21.25 -5.21
N LEU B 147 29.93 -20.88 -6.10
CA LEU B 147 30.06 -21.61 -7.36
C LEU B 147 30.45 -23.07 -7.13
N GLY B 148 31.37 -23.32 -6.21
CA GLY B 148 31.76 -24.70 -5.93
C GLY B 148 30.59 -25.55 -5.46
N PHE B 149 29.80 -25.02 -4.53
CA PHE B 149 28.65 -25.77 -4.02
C PHE B 149 27.61 -25.98 -5.10
N LEU B 150 27.41 -24.98 -5.97
CA LEU B 150 26.48 -25.14 -7.08
C LEU B 150 26.89 -26.31 -7.97
N VAL B 151 28.16 -26.34 -8.38
CA VAL B 151 28.62 -27.41 -9.26
C VAL B 151 28.51 -28.76 -8.57
N GLY B 152 28.90 -28.83 -7.30
CA GLY B 152 28.80 -30.10 -6.58
C GLY B 152 27.37 -30.60 -6.48
N ALA B 153 26.43 -29.70 -6.19
CA ALA B 153 25.03 -30.09 -6.10
C ALA B 153 24.52 -30.64 -7.42
N LYS B 154 24.85 -29.95 -8.53
CA LYS B 154 24.39 -30.45 -9.82
C LYS B 154 24.99 -31.81 -10.15
N VAL B 155 26.28 -32.00 -9.84
CA VAL B 155 26.91 -33.28 -10.14
C VAL B 155 26.25 -34.41 -9.36
N LEU B 156 26.00 -34.20 -8.06
CA LEU B 156 25.36 -35.25 -7.27
C LEU B 156 23.94 -35.53 -7.75
N ASN B 157 23.21 -34.47 -8.11
CA ASN B 157 21.85 -34.65 -8.61
C ASN B 157 21.85 -35.48 -9.88
N VAL B 158 22.84 -35.28 -10.75
CA VAL B 158 22.94 -36.12 -11.94
C VAL B 158 23.32 -37.55 -11.59
N GLN B 159 24.20 -37.73 -10.59
CA GLN B 159 24.70 -39.08 -10.29
C GLN B 159 23.69 -39.94 -9.54
N VAL B 160 22.65 -39.36 -8.94
CA VAL B 160 21.67 -40.19 -8.23
C VAL B 160 20.98 -41.21 -9.15
N PRO B 161 20.39 -40.83 -10.28
CA PRO B 161 19.74 -41.84 -11.13
C PRO B 161 20.68 -42.90 -11.64
N PHE B 162 21.97 -42.59 -11.81
CA PHE B 162 22.92 -43.62 -12.21
C PHE B 162 23.04 -44.70 -11.15
N LEU B 163 23.09 -44.30 -9.87
CA LEU B 163 23.12 -45.28 -8.79
C LEU B 163 21.85 -46.11 -8.78
N PHE B 164 20.69 -45.47 -9.00
CA PHE B 164 19.45 -46.25 -9.03
C PHE B 164 19.45 -47.25 -10.17
N LYS B 165 19.95 -46.84 -11.35
CA LYS B 165 20.03 -47.76 -12.48
C LYS B 165 20.96 -48.93 -12.19
N LEU B 166 22.11 -48.65 -11.56
CA LEU B 166 23.03 -49.73 -11.24
C LEU B 166 22.38 -50.73 -10.29
N ALA B 167 21.68 -50.23 -9.27
CA ALA B 167 21.01 -51.12 -8.33
C ALA B 167 19.97 -51.98 -9.03
N VAL B 168 19.15 -51.35 -9.88
CA VAL B 168 18.07 -52.09 -10.54
C VAL B 168 18.64 -53.15 -11.48
N ASP B 169 19.68 -52.79 -12.24
CA ASP B 169 20.29 -53.75 -13.16
C ASP B 169 20.91 -54.92 -12.40
N TRP B 170 21.59 -54.63 -11.29
CA TRP B 170 22.20 -55.70 -10.50
C TRP B 170 21.13 -56.64 -9.94
N LEU B 171 20.03 -56.08 -9.41
CA LEU B 171 18.97 -56.92 -8.88
C LEU B 171 18.34 -57.77 -9.99
N ALA B 172 18.12 -57.17 -11.17
CA ALA B 172 17.54 -57.93 -12.27
C ALA B 172 18.45 -59.07 -12.70
N SER B 173 19.76 -58.82 -12.75
CA SER B 173 20.68 -59.89 -13.14
C SER B 173 20.80 -60.96 -12.06
N ALA B 174 20.61 -60.60 -10.79
CA ALA B 174 20.74 -61.57 -9.72
C ALA B 174 19.69 -62.66 -9.81
N THR B 175 18.44 -62.29 -10.09
CA THR B 175 17.36 -63.26 -10.19
C THR B 175 17.13 -63.69 -11.63
N ALA B 186 26.76 -58.31 -11.94
CA ALA B 186 27.45 -57.19 -12.56
C ALA B 186 28.95 -57.30 -12.35
N THR B 187 29.68 -57.69 -13.41
CA THR B 187 31.12 -57.83 -13.35
C THR B 187 31.76 -56.49 -13.72
N ASN B 188 31.94 -55.66 -12.71
CA ASN B 188 32.53 -54.34 -12.87
C ASN B 188 33.62 -54.12 -11.83
N PRO B 189 34.63 -53.31 -12.16
CA PRO B 189 35.70 -53.04 -11.19
C PRO B 189 35.24 -52.21 -10.01
N THR B 190 34.54 -51.10 -10.27
CA THR B 190 34.12 -50.21 -9.20
C THR B 190 33.14 -50.91 -8.27
N LEU B 191 32.09 -51.50 -8.81
CA LEU B 191 31.12 -52.21 -8.00
C LEU B 191 31.70 -53.57 -7.58
N LEU B 192 31.07 -54.18 -6.59
CA LEU B 192 31.48 -55.42 -5.91
C LEU B 192 32.64 -55.17 -4.97
N THR B 193 33.21 -53.96 -4.93
CA THR B 193 34.26 -53.60 -3.99
C THR B 193 33.83 -52.49 -3.04
N VAL B 194 33.33 -51.38 -3.57
CA VAL B 194 32.83 -50.31 -2.72
C VAL B 194 31.52 -50.72 -2.05
N PHE B 195 30.61 -51.31 -2.81
CA PHE B 195 29.32 -51.76 -2.30
C PHE B 195 29.26 -53.28 -2.42
N ALA B 196 29.04 -53.96 -1.30
CA ALA B 196 28.99 -55.42 -1.31
C ALA B 196 27.66 -55.93 -1.85
N THR B 197 26.56 -55.29 -1.51
CA THR B 197 25.21 -55.73 -1.86
C THR B 197 24.40 -54.56 -2.35
N PRO B 198 23.32 -54.82 -3.09
CA PRO B 198 22.49 -53.71 -3.62
C PRO B 198 21.91 -52.82 -2.53
N ALA B 199 21.70 -53.33 -1.32
CA ALA B 199 21.24 -52.47 -0.23
C ALA B 199 22.20 -51.31 -0.01
N ALA B 200 23.50 -51.56 -0.13
CA ALA B 200 24.48 -50.48 -0.02
C ALA B 200 24.30 -49.46 -1.14
N VAL B 201 23.97 -49.92 -2.35
CA VAL B 201 23.76 -49.00 -3.46
C VAL B 201 22.55 -48.12 -3.19
N LEU B 202 21.47 -48.69 -2.66
CA LEU B 202 20.29 -47.88 -2.37
C LEU B 202 20.55 -46.90 -1.24
N ILE B 203 21.32 -47.32 -0.23
CA ILE B 203 21.71 -46.40 0.83
C ILE B 203 22.54 -45.25 0.25
N GLY B 204 23.42 -45.55 -0.69
CA GLY B 204 24.17 -44.51 -1.36
C GLY B 204 23.28 -43.58 -2.16
N TYR B 205 22.23 -44.13 -2.77
CA TYR B 205 21.23 -43.32 -3.46
C TYR B 205 20.64 -42.27 -2.51
N GLY B 206 20.16 -42.73 -1.35
CA GLY B 206 19.60 -41.81 -0.38
C GLY B 206 20.60 -40.78 0.11
N ILE B 207 21.82 -41.23 0.42
CA ILE B 207 22.83 -40.30 0.95
C ILE B 207 23.24 -39.29 -0.12
N ALA B 208 23.23 -39.68 -1.39
CA ALA B 208 23.54 -38.73 -2.46
C ALA B 208 22.45 -37.68 -2.60
N ARG B 209 21.19 -38.09 -2.49
CA ARG B 209 20.11 -37.10 -2.49
C ARG B 209 20.28 -36.10 -1.35
N THR B 210 20.58 -36.61 -0.15
CA THR B 210 20.77 -35.72 1.00
C THR B 210 21.96 -34.78 0.78
N GLY B 211 23.06 -35.29 0.22
CA GLY B 211 24.21 -34.45 -0.04
C GLY B 211 23.91 -33.34 -1.03
N SER B 212 23.15 -33.65 -2.08
CA SER B 212 22.74 -32.61 -3.02
C SER B 212 21.93 -31.54 -2.33
N SER B 213 20.98 -31.94 -1.47
CA SER B 213 20.18 -30.94 -0.77
C SER B 213 21.04 -30.07 0.13
N ALA B 214 22.00 -30.67 0.84
CA ALA B 214 22.87 -29.90 1.72
C ALA B 214 23.73 -28.91 0.93
N PHE B 215 24.22 -29.32 -0.24
CA PHE B 215 25.00 -28.42 -1.06
C PHE B 215 24.18 -27.21 -1.51
N ASN B 216 22.92 -27.47 -1.92
CA ASN B 216 22.05 -26.36 -2.28
C ASN B 216 21.83 -25.41 -1.09
N GLU B 217 21.59 -25.98 0.09
CA GLU B 217 21.52 -25.24 1.34
C GLU B 217 22.67 -24.25 1.49
N LEU B 218 23.89 -24.79 1.49
CA LEU B 218 25.06 -23.96 1.75
C LEU B 218 25.22 -22.89 0.69
N ARG B 219 25.01 -23.25 -0.58
CA ARG B 219 25.13 -22.27 -1.66
C ARG B 219 24.19 -21.09 -1.44
N THR B 220 22.91 -21.39 -1.20
CA THR B 220 21.94 -20.29 -1.13
C THR B 220 22.22 -19.38 0.06
N ALA B 221 22.58 -19.94 1.22
CA ALA B 221 22.87 -19.08 2.36
C ALA B 221 24.09 -18.20 2.10
N VAL B 222 25.18 -18.81 1.62
CA VAL B 222 26.43 -18.10 1.45
C VAL B 222 26.26 -16.96 0.45
N PHE B 223 25.52 -17.19 -0.64
CA PHE B 223 25.36 -16.09 -1.57
C PHE B 223 24.34 -15.05 -1.10
N SER B 224 23.32 -15.46 -0.36
CA SER B 224 22.32 -14.50 0.10
C SER B 224 22.95 -13.43 0.98
N LYS B 225 23.94 -13.81 1.79
CA LYS B 225 24.58 -12.81 2.64
C LYS B 225 25.17 -11.66 1.80
N VAL B 226 25.98 -12.01 0.79
CA VAL B 226 26.62 -10.99 -0.04
C VAL B 226 25.59 -10.20 -0.83
N ALA B 227 24.51 -10.85 -1.27
CA ALA B 227 23.46 -10.12 -1.96
C ALA B 227 22.89 -9.01 -1.07
N LEU B 228 22.58 -9.34 0.19
CA LEU B 228 22.07 -8.31 1.09
C LEU B 228 23.09 -7.19 1.30
N ARG B 229 24.37 -7.54 1.44
CA ARG B 229 25.39 -6.51 1.65
C ARG B 229 25.43 -5.53 0.48
N THR B 230 25.43 -6.04 -0.76
CA THR B 230 25.53 -5.14 -1.90
C THR B 230 24.26 -4.30 -2.05
N ILE B 231 23.09 -4.87 -1.70
CA ILE B 231 21.86 -4.08 -1.73
C ILE B 231 21.97 -2.89 -0.78
N ARG B 232 22.44 -3.14 0.44
CA ARG B 232 22.59 -2.06 1.41
C ARG B 232 23.52 -0.99 0.90
N SER B 233 24.67 -1.39 0.34
CA SER B 233 25.64 -0.40 -0.14
C SER B 233 25.04 0.46 -1.24
N VAL B 234 24.36 -0.16 -2.21
CA VAL B 234 23.80 0.59 -3.33
C VAL B 234 22.74 1.56 -2.84
N SER B 235 21.85 1.11 -1.96
CA SER B 235 20.79 1.99 -1.46
C SER B 235 21.36 3.20 -0.74
N ARG B 236 22.37 2.97 0.12
CA ARG B 236 22.96 4.10 0.83
C ARG B 236 23.62 5.07 -0.14
N LYS B 237 24.32 4.55 -1.14
CA LYS B 237 24.98 5.45 -2.09
C LYS B 237 23.97 6.32 -2.82
N VAL B 238 22.86 5.72 -3.27
CA VAL B 238 21.85 6.49 -3.99
C VAL B 238 21.23 7.55 -3.09
N PHE B 239 20.94 7.19 -1.84
CA PHE B 239 20.32 8.12 -0.90
C PHE B 239 21.23 9.31 -0.62
N SER B 240 22.50 9.03 -0.30
CA SER B 240 23.45 10.09 0.02
C SER B 240 23.72 10.97 -1.18
N HIS B 241 23.68 10.41 -2.40
CA HIS B 241 23.76 11.27 -3.58
C HIS B 241 22.49 12.09 -3.76
N LEU B 242 21.34 11.55 -3.31
CA LEU B 242 20.08 12.26 -3.49
C LEU B 242 20.04 13.54 -2.67
N HIS B 243 20.55 13.51 -1.43
CA HIS B 243 20.65 14.80 -0.74
C HIS B 243 21.70 15.75 -1.31
N ASP B 244 22.64 15.28 -2.12
CA ASP B 244 23.63 16.21 -2.65
C ASP B 244 23.06 17.13 -3.74
N LEU B 245 21.92 16.77 -4.32
CA LEU B 245 21.39 17.50 -5.46
C LEU B 245 20.55 18.69 -5.01
N ASP B 246 20.56 19.75 -5.82
CA ASP B 246 19.94 21.01 -5.44
C ASP B 246 18.42 20.87 -5.32
N LEU B 247 17.80 21.90 -4.75
CA LEU B 247 16.39 21.84 -4.38
C LEU B 247 15.44 22.17 -5.52
N ARG B 248 15.92 22.71 -6.64
CA ARG B 248 15.03 22.85 -7.80
C ARG B 248 14.55 21.49 -8.26
N TYR B 249 15.38 20.46 -8.10
CA TYR B 249 14.95 19.11 -8.41
C TYR B 249 13.83 18.66 -7.48
N HIS B 250 13.99 18.91 -6.18
CA HIS B 250 13.01 18.45 -5.20
C HIS B 250 11.68 19.19 -5.36
N LEU B 251 11.73 20.49 -5.63
CA LEU B 251 10.50 21.26 -5.76
C LEU B 251 9.70 20.84 -6.98
N SER B 252 10.35 20.20 -7.95
CA SER B 252 9.64 19.81 -9.17
C SER B 252 8.58 18.74 -8.89
N ARG B 253 8.91 17.73 -8.09
CA ARG B 253 8.00 16.64 -7.82
C ARG B 253 7.46 16.68 -6.40
N GLU B 254 6.71 15.65 -6.05
CA GLU B 254 5.99 15.56 -4.78
C GLU B 254 6.87 15.16 -3.61
N THR B 255 8.09 14.65 -3.87
CA THR B 255 9.08 14.23 -2.89
C THR B 255 8.59 13.08 -2.00
N GLY B 256 7.48 12.44 -2.33
CA GLY B 256 7.03 11.29 -1.58
C GLY B 256 7.18 10.01 -2.36
N GLY B 257 7.28 10.13 -3.68
CA GLY B 257 7.49 8.97 -4.52
C GLY B 257 8.94 8.55 -4.65
N LEU B 258 9.87 9.42 -4.23
CA LEU B 258 11.29 9.08 -4.31
C LEU B 258 11.62 7.87 -3.45
N ASN B 259 11.06 7.83 -2.23
CA ASN B 259 11.25 6.66 -1.40
C ASN B 259 10.59 5.43 -2.01
N ARG B 260 9.46 5.60 -2.69
CA ARG B 260 8.84 4.48 -3.39
C ARG B 260 9.77 3.91 -4.44
N ILE B 261 10.41 4.79 -5.22
CA ILE B 261 11.36 4.32 -6.24
C ILE B 261 12.55 3.64 -5.58
N ILE B 262 13.05 4.20 -4.48
CA ILE B 262 14.20 3.59 -3.80
C ILE B 262 13.86 2.18 -3.35
N ASP B 263 12.72 2.02 -2.67
CA ASP B 263 12.33 0.70 -2.18
C ASP B 263 12.09 -0.28 -3.32
N ARG B 264 11.42 0.18 -4.37
CA ARG B 264 11.13 -0.71 -5.50
C ARG B 264 12.43 -1.16 -6.17
N GLY B 265 13.37 -0.24 -6.35
CA GLY B 265 14.65 -0.61 -6.95
C GLY B 265 15.46 -1.54 -6.07
N SER B 266 15.43 -1.34 -4.75
CA SER B 266 16.12 -2.26 -3.85
C SER B 266 15.54 -3.66 -3.96
N ARG B 267 14.22 -3.78 -3.95
CA ARG B 267 13.59 -5.09 -4.10
C ARG B 267 13.92 -5.70 -5.45
N ALA B 268 13.97 -4.88 -6.50
CA ALA B 268 14.31 -5.38 -7.82
C ALA B 268 15.73 -5.91 -7.87
N ILE B 269 16.68 -5.19 -7.27
CA ILE B 269 18.06 -5.67 -7.19
C ILE B 269 18.10 -7.02 -6.49
N ASN B 270 17.42 -7.12 -5.33
CA ASN B 270 17.40 -8.36 -4.58
C ASN B 270 16.88 -9.51 -5.45
N PHE B 271 15.72 -9.31 -6.07
CA PHE B 271 15.12 -10.40 -6.84
C PHE B 271 15.98 -10.79 -8.02
N ILE B 272 16.51 -9.81 -8.77
CA ILE B 272 17.26 -10.14 -9.96
C ILE B 272 18.54 -10.89 -9.60
N LEU B 273 19.25 -10.46 -8.55
CA LEU B 273 20.47 -11.17 -8.16
C LEU B 273 20.14 -12.58 -7.68
N SER B 274 19.13 -12.70 -6.81
CA SER B 274 18.78 -14.00 -6.27
C SER B 274 18.36 -14.98 -7.37
N ALA B 275 17.52 -14.51 -8.30
CA ALA B 275 17.08 -15.39 -9.38
C ALA B 275 18.24 -15.76 -10.29
N MET B 276 18.98 -14.77 -10.77
CA MET B 276 20.05 -15.03 -11.73
C MET B 276 21.15 -15.91 -11.16
N VAL B 277 21.29 -15.98 -9.84
CA VAL B 277 22.31 -16.85 -9.25
C VAL B 277 21.76 -18.18 -8.75
N PHE B 278 20.47 -18.26 -8.43
CA PHE B 278 19.91 -19.48 -7.85
C PHE B 278 19.15 -20.35 -8.84
N ASN B 279 18.54 -19.78 -9.88
CA ASN B 279 17.68 -20.57 -10.75
C ASN B 279 18.17 -20.63 -12.19
N VAL B 280 18.46 -19.49 -12.81
CA VAL B 280 18.73 -19.48 -14.25
C VAL B 280 19.99 -20.26 -14.58
N VAL B 281 21.09 -19.96 -13.88
CA VAL B 281 22.37 -20.63 -14.14
C VAL B 281 22.32 -22.11 -13.77
N PRO B 282 21.84 -22.50 -12.57
CA PRO B 282 21.81 -23.93 -12.25
C PRO B 282 20.98 -24.76 -13.22
N THR B 283 19.86 -24.23 -13.70
CA THR B 283 19.04 -24.99 -14.64
C THR B 283 19.75 -25.15 -15.99
N ILE B 284 20.47 -24.12 -16.42
CA ILE B 284 21.26 -24.24 -17.65
C ILE B 284 22.34 -25.30 -17.49
N LEU B 285 23.02 -25.31 -16.34
CA LEU B 285 24.02 -26.34 -16.09
C LEU B 285 23.38 -27.72 -16.07
N GLU B 286 22.21 -27.84 -15.46
CA GLU B 286 21.51 -29.13 -15.38
C GLU B 286 21.16 -29.64 -16.77
N ILE B 287 20.59 -28.77 -17.62
CA ILE B 287 20.20 -29.20 -18.95
C ILE B 287 21.43 -29.53 -19.80
N SER B 288 22.53 -28.79 -19.61
CA SER B 288 23.75 -29.11 -20.33
C SER B 288 24.26 -30.48 -19.95
N MET B 289 24.28 -30.79 -18.64
CA MET B 289 24.73 -32.10 -18.20
C MET B 289 23.82 -33.21 -18.71
N VAL B 290 22.51 -32.99 -18.67
CA VAL B 290 21.58 -34.02 -19.13
C VAL B 290 21.77 -34.29 -20.62
N SER B 291 21.88 -33.23 -21.43
CA SER B 291 22.06 -33.41 -22.86
C SER B 291 23.39 -34.09 -23.16
N GLY B 292 24.45 -33.70 -22.46
CA GLY B 292 25.74 -34.34 -22.68
C GLY B 292 25.76 -35.80 -22.28
N ILE B 293 25.13 -36.14 -21.16
CA ILE B 293 25.14 -37.51 -20.67
C ILE B 293 24.18 -38.40 -21.45
N LEU B 294 23.20 -37.83 -22.15
CA LEU B 294 22.38 -38.66 -23.02
C LEU B 294 22.97 -38.78 -24.42
N ALA B 295 23.63 -37.73 -24.91
CA ALA B 295 24.31 -37.84 -26.21
C ALA B 295 25.40 -38.91 -26.17
N TYR B 296 26.19 -38.92 -25.10
CA TYR B 296 27.08 -40.03 -24.84
C TYR B 296 26.29 -41.15 -24.15
N LYS B 297 26.89 -42.34 -24.13
CA LYS B 297 26.34 -43.54 -23.51
C LYS B 297 25.09 -44.05 -24.24
N PHE B 298 24.61 -43.35 -25.26
CA PHE B 298 23.40 -43.75 -25.98
C PHE B 298 23.56 -43.30 -27.42
N GLY B 299 22.46 -43.29 -28.16
CA GLY B 299 22.46 -42.76 -29.50
C GLY B 299 22.37 -41.25 -29.51
N ALA B 300 22.49 -40.69 -30.71
CA ALA B 300 22.42 -39.24 -30.88
C ALA B 300 20.98 -38.72 -30.94
N ALA B 301 19.99 -39.60 -30.99
CA ALA B 301 18.61 -39.14 -31.10
C ALA B 301 18.12 -38.50 -29.80
N PHE B 302 18.69 -38.91 -28.67
CA PHE B 302 18.25 -38.38 -27.38
C PHE B 302 18.58 -36.89 -27.26
N ALA B 303 19.73 -36.47 -27.76
CA ALA B 303 20.05 -35.05 -27.76
C ALA B 303 19.05 -34.26 -28.58
N TRP B 304 18.67 -34.77 -29.76
CA TRP B 304 17.65 -34.11 -30.57
C TRP B 304 16.34 -34.01 -29.81
N ILE B 305 15.94 -35.10 -29.16
CA ILE B 305 14.66 -35.11 -28.45
C ILE B 305 14.66 -34.07 -27.33
N THR B 306 15.69 -34.08 -26.49
CA THR B 306 15.71 -33.14 -25.37
C THR B 306 15.80 -31.70 -25.85
N SER B 307 16.61 -31.45 -26.89
CA SER B 307 16.75 -30.08 -27.39
C SER B 307 15.42 -29.57 -27.95
N LEU B 308 14.78 -30.36 -28.82
CA LEU B 308 13.51 -29.92 -29.38
C LEU B 308 12.45 -29.75 -28.30
N SER B 309 12.39 -30.68 -27.34
CA SER B 309 11.40 -30.58 -26.28
C SER B 309 11.57 -29.30 -25.48
N VAL B 310 12.80 -29.02 -25.03
CA VAL B 310 13.00 -27.83 -24.20
C VAL B 310 12.80 -26.56 -25.00
N GLY B 311 13.18 -26.56 -26.28
CA GLY B 311 12.96 -25.38 -27.10
C GLY B 311 11.48 -25.07 -27.27
N SER B 312 10.68 -26.09 -27.60
CA SER B 312 9.25 -25.88 -27.75
C SER B 312 8.62 -25.48 -26.43
N TYR B 313 9.05 -26.10 -25.34
CA TYR B 313 8.52 -25.76 -24.02
C TYR B 313 8.78 -24.30 -23.68
N ILE B 314 10.01 -23.83 -23.90
CA ILE B 314 10.36 -22.46 -23.57
C ILE B 314 9.58 -21.48 -24.43
N VAL B 315 9.51 -21.73 -25.74
CA VAL B 315 8.82 -20.78 -26.61
C VAL B 315 7.34 -20.72 -26.28
N PHE B 316 6.73 -21.87 -25.98
CA PHE B 316 5.32 -21.88 -25.62
C PHE B 316 5.07 -21.13 -24.33
N THR B 317 5.90 -21.35 -23.32
CA THR B 317 5.72 -20.66 -22.05
C THR B 317 5.86 -19.15 -22.23
N LEU B 318 6.87 -18.71 -22.98
CA LEU B 318 7.06 -17.28 -23.18
C LEU B 318 5.87 -16.66 -23.91
N ALA B 319 5.37 -17.34 -24.96
CA ALA B 319 4.23 -16.79 -25.70
C ALA B 319 3.02 -16.66 -24.81
N VAL B 320 2.71 -17.71 -24.03
CA VAL B 320 1.50 -17.66 -23.22
C VAL B 320 1.63 -16.64 -22.09
N THR B 321 2.84 -16.48 -21.54
CA THR B 321 3.04 -15.46 -20.51
C THR B 321 2.82 -14.06 -21.07
N GLN B 322 3.38 -13.79 -22.25
CA GLN B 322 3.16 -12.49 -22.88
C GLN B 322 1.69 -12.28 -23.21
N TRP B 323 0.94 -13.37 -23.43
CA TRP B 323 -0.50 -13.22 -23.63
C TRP B 323 -1.23 -12.93 -22.32
N ARG B 324 -0.80 -13.56 -21.22
CA ARG B 324 -1.51 -13.46 -19.95
C ARG B 324 -1.26 -12.15 -19.23
N THR B 325 -0.14 -11.48 -19.52
CA THR B 325 0.15 -10.22 -18.85
C THR B 325 -0.98 -9.20 -19.02
N LYS B 326 -1.56 -9.14 -20.22
CA LYS B 326 -2.66 -8.20 -20.46
C LYS B 326 -3.87 -8.51 -19.60
N PHE B 327 -4.22 -9.79 -19.46
CA PHE B 327 -5.34 -10.17 -18.62
C PHE B 327 -5.10 -9.77 -17.16
N ARG B 328 -3.87 -10.00 -16.67
CA ARG B 328 -3.57 -9.63 -15.29
C ARG B 328 -3.67 -8.12 -15.09
N LYS B 329 -3.14 -7.35 -16.04
CA LYS B 329 -3.25 -5.89 -15.94
C LYS B 329 -4.70 -5.43 -15.96
N ALA B 330 -5.53 -6.09 -16.77
CA ALA B 330 -6.96 -5.75 -16.78
C ALA B 330 -7.61 -6.07 -15.44
N MET B 331 -7.22 -7.17 -14.81
CA MET B 331 -7.75 -7.50 -13.49
C MET B 331 -7.41 -6.43 -12.46
N ASN B 332 -6.14 -6.00 -12.42
CA ASN B 332 -5.70 -5.11 -11.36
C ASN B 332 -6.45 -3.77 -11.39
N LYS B 333 -6.63 -3.21 -12.58
CA LYS B 333 -7.28 -1.91 -12.69
C LYS B 333 -8.74 -1.98 -12.25
N ALA B 334 -9.44 -3.05 -12.64
CA ALA B 334 -10.83 -3.21 -12.22
C ALA B 334 -10.94 -3.35 -10.71
N ASP B 335 -10.04 -4.13 -10.10
CA ASP B 335 -10.08 -4.26 -8.64
C ASP B 335 -9.83 -2.92 -7.96
N ASN B 336 -8.85 -2.16 -8.45
CA ASN B 336 -8.57 -0.85 -7.85
C ASN B 336 -9.75 0.09 -8.00
N ASP B 337 -10.41 0.07 -9.16
CA ASP B 337 -11.58 0.92 -9.36
C ASP B 337 -12.70 0.55 -8.41
N ALA B 338 -12.94 -0.75 -8.21
CA ALA B 338 -13.98 -1.17 -7.28
C ALA B 338 -13.67 -0.71 -5.86
N SER B 339 -12.41 -0.86 -5.43
CA SER B 339 -12.04 -0.41 -4.09
C SER B 339 -12.21 1.10 -3.94
N THR B 340 -11.82 1.86 -4.96
CA THR B 340 -11.96 3.32 -4.89
C THR B 340 -13.43 3.72 -4.80
N ARG B 341 -14.29 3.07 -5.57
CA ARG B 341 -15.71 3.40 -5.51
C ARG B 341 -16.27 3.03 -4.13
N ALA B 342 -15.83 1.91 -3.56
CA ALA B 342 -16.29 1.57 -2.22
C ALA B 342 -15.90 2.64 -1.21
N ILE B 343 -14.66 3.11 -1.27
CA ILE B 343 -14.20 4.15 -0.34
C ILE B 343 -15.02 5.42 -0.52
N ASP B 344 -15.23 5.85 -1.77
CA ASP B 344 -15.97 7.08 -2.02
C ASP B 344 -17.42 6.96 -1.54
N SER B 345 -18.03 5.79 -1.74
CA SER B 345 -19.40 5.59 -1.27
C SER B 345 -19.46 5.64 0.25
N LEU B 346 -18.51 5.02 0.94
CA LEU B 346 -18.58 4.96 2.40
C LEU B 346 -18.30 6.31 3.03
N ILE B 347 -17.36 7.08 2.47
CA ILE B 347 -16.95 8.32 3.12
C ILE B 347 -18.09 9.35 3.11
N ASN B 348 -18.94 9.32 2.09
CA ASN B 348 -20.02 10.29 1.95
C ASN B 348 -21.33 9.72 2.52
N TYR B 349 -21.30 9.39 3.80
CA TYR B 349 -22.41 8.66 4.41
C TYR B 349 -23.65 9.55 4.59
N GLU B 350 -23.46 10.77 5.09
CA GLU B 350 -24.59 11.60 5.47
C GLU B 350 -25.45 11.97 4.26
N THR B 351 -24.81 12.33 3.14
CA THR B 351 -25.58 12.70 1.95
C THR B 351 -26.37 11.50 1.41
N VAL B 352 -25.76 10.31 1.43
CA VAL B 352 -26.48 9.12 0.98
C VAL B 352 -27.63 8.81 1.92
N LYS B 353 -27.50 9.12 3.21
CA LYS B 353 -28.61 8.86 4.12
C LYS B 353 -29.66 9.96 4.08
N TYR B 354 -29.36 11.12 3.49
CA TYR B 354 -30.34 12.21 3.46
C TYR B 354 -31.52 11.87 2.57
N PHE B 355 -31.33 10.99 1.59
CA PHE B 355 -32.38 10.62 0.64
C PHE B 355 -31.89 9.41 -0.15
N ASN B 356 -32.73 8.94 -1.08
CA ASN B 356 -32.49 7.78 -1.94
C ASN B 356 -31.70 6.68 -1.24
N ASN B 357 -32.22 6.22 -0.10
CA ASN B 357 -31.48 5.33 0.79
C ASN B 357 -31.23 3.99 0.10
N GLU B 358 -29.97 3.76 -0.28
CA GLU B 358 -29.42 2.48 -0.71
C GLU B 358 -30.02 1.94 -1.99
N GLY B 359 -30.95 2.65 -2.63
CA GLY B 359 -31.54 2.15 -3.86
C GLY B 359 -30.54 2.07 -4.99
N TYR B 360 -29.60 3.01 -5.04
CA TYR B 360 -28.72 3.17 -6.19
C TYR B 360 -27.29 2.72 -5.96
N GLU B 361 -26.75 2.88 -4.74
CA GLU B 361 -25.31 2.68 -4.55
C GLU B 361 -24.94 1.20 -4.66
N ALA B 362 -25.75 0.32 -4.05
CA ALA B 362 -25.43 -1.11 -4.07
C ALA B 362 -25.40 -1.65 -5.49
N GLU B 363 -26.26 -1.13 -6.36
CA GLU B 363 -26.28 -1.59 -7.75
C GLU B 363 -24.95 -1.31 -8.44
N LYS B 364 -24.41 -0.10 -8.25
CA LYS B 364 -23.15 0.24 -8.90
C LYS B 364 -21.98 -0.53 -8.30
N TYR B 365 -21.99 -0.72 -6.98
CA TYR B 365 -20.96 -1.56 -6.39
C TYR B 365 -21.04 -2.98 -6.94
N ASP B 366 -22.25 -3.50 -7.14
CA ASP B 366 -22.41 -4.81 -7.73
C ASP B 366 -21.87 -4.86 -9.14
N GLN B 367 -22.10 -3.81 -9.93
CA GLN B 367 -21.57 -3.77 -11.29
C GLN B 367 -20.04 -3.84 -11.29
N PHE B 368 -19.40 -3.06 -10.43
CA PHE B 368 -17.94 -3.08 -10.37
C PHE B 368 -17.44 -4.45 -9.94
N LEU B 369 -18.10 -5.06 -8.95
CA LEU B 369 -17.71 -6.41 -8.53
C LEU B 369 -17.87 -7.41 -9.66
N LYS B 370 -18.92 -7.25 -10.47
CA LYS B 370 -19.12 -8.14 -11.61
C LYS B 370 -17.98 -8.03 -12.62
N LYS B 371 -17.54 -6.79 -12.89
CA LYS B 371 -16.40 -6.62 -13.80
C LYS B 371 -15.15 -7.30 -13.24
N TYR B 372 -14.90 -7.13 -11.94
CA TYR B 372 -13.74 -7.80 -11.33
C TYR B 372 -13.85 -9.31 -11.45
N GLU B 373 -15.05 -9.85 -11.20
CA GLU B 373 -15.25 -11.29 -11.32
C GLU B 373 -14.95 -11.79 -12.71
N ASP B 374 -15.43 -11.07 -13.74
CA ASP B 374 -15.17 -11.49 -15.11
C ASP B 374 -13.68 -11.52 -15.41
N ALA B 375 -12.96 -10.47 -14.99
CA ALA B 375 -11.52 -10.44 -15.23
C ALA B 375 -10.81 -11.61 -14.55
N ALA B 376 -11.19 -11.89 -13.29
CA ALA B 376 -10.55 -12.99 -12.57
C ALA B 376 -10.82 -14.32 -13.24
N LEU B 377 -12.05 -14.54 -13.70
CA LEU B 377 -12.39 -15.78 -14.37
C LEU B 377 -11.55 -15.97 -15.63
N GLN B 378 -11.40 -14.91 -16.43
CA GLN B 378 -10.61 -15.03 -17.65
C GLN B 378 -9.15 -15.35 -17.32
N THR B 379 -8.59 -14.71 -16.30
CA THR B 379 -7.21 -14.99 -15.93
C THR B 379 -7.03 -16.45 -15.51
N GLN B 380 -7.97 -16.96 -14.70
CA GLN B 380 -7.87 -18.35 -14.26
C GLN B 380 -7.93 -19.32 -15.43
N ARG B 381 -8.84 -19.06 -16.38
CA ARG B 381 -8.94 -19.94 -17.54
C ARG B 381 -7.64 -19.95 -18.33
N SER B 382 -7.04 -18.77 -18.54
CA SER B 382 -5.81 -18.71 -19.31
C SER B 382 -4.68 -19.46 -18.61
N LEU B 383 -4.58 -19.31 -17.29
CA LEU B 383 -3.55 -20.05 -16.55
C LEU B 383 -3.74 -21.56 -16.68
N ALA B 384 -4.99 -22.02 -16.59
CA ALA B 384 -5.25 -23.45 -16.75
C ALA B 384 -4.80 -23.94 -18.12
N PHE B 385 -5.11 -23.16 -19.17
CA PHE B 385 -4.68 -23.56 -20.52
C PHE B 385 -3.17 -23.66 -20.62
N LEU B 386 -2.46 -22.68 -20.04
CA LEU B 386 -1.00 -22.72 -20.08
C LEU B 386 -0.47 -23.98 -19.42
N ASN B 387 -0.98 -24.30 -18.23
CA ASN B 387 -0.49 -25.47 -17.51
C ASN B 387 -0.75 -26.74 -18.31
N PHE B 388 -1.93 -26.85 -18.92
CA PHE B 388 -2.25 -28.05 -19.70
C PHE B 388 -1.30 -28.20 -20.88
N GLY B 389 -1.02 -27.11 -21.58
CA GLY B 389 -0.09 -27.19 -22.71
C GLY B 389 1.29 -27.64 -22.29
N GLN B 390 1.81 -27.07 -21.20
CA GLN B 390 3.12 -27.48 -20.73
C GLN B 390 3.15 -28.97 -20.39
N SER B 391 2.11 -29.45 -19.71
CA SER B 391 2.07 -30.86 -19.35
C SER B 391 2.06 -31.76 -20.58
N ILE B 392 1.28 -31.39 -21.60
CA ILE B 392 1.26 -32.20 -22.83
C ILE B 392 2.64 -32.27 -23.45
N ILE B 393 3.32 -31.11 -23.56
CA ILE B 393 4.63 -31.10 -24.21
C ILE B 393 5.60 -32.02 -23.49
N PHE B 394 5.69 -31.89 -22.16
CA PHE B 394 6.67 -32.71 -21.46
C PHE B 394 6.29 -34.19 -21.47
N SER B 395 5.00 -34.49 -21.39
CA SER B 395 4.58 -35.88 -21.41
C SER B 395 4.93 -36.55 -22.73
N THR B 396 4.70 -35.87 -23.85
CA THR B 396 5.03 -36.49 -25.12
C THR B 396 6.54 -36.65 -25.29
N ALA B 397 7.33 -35.69 -24.80
CA ALA B 397 8.78 -35.85 -24.86
C ALA B 397 9.22 -37.08 -24.08
N LEU B 398 8.73 -37.22 -22.84
CA LEU B 398 9.14 -38.34 -22.00
C LEU B 398 8.71 -39.68 -22.60
N SER B 399 7.49 -39.75 -23.13
CA SER B 399 7.02 -41.00 -23.71
C SER B 399 7.84 -41.38 -24.94
N THR B 400 8.19 -40.41 -25.78
CA THR B 400 9.02 -40.72 -26.94
C THR B 400 10.39 -41.25 -26.52
N ALA B 401 11.01 -40.60 -25.53
CA ALA B 401 12.31 -41.07 -25.06
C ALA B 401 12.23 -42.50 -24.54
N MET B 402 11.21 -42.79 -23.72
CA MET B 402 11.12 -44.12 -23.13
C MET B 402 10.80 -45.19 -24.18
N VAL B 403 9.95 -44.89 -25.16
CA VAL B 403 9.63 -45.90 -26.16
C VAL B 403 10.84 -46.17 -27.05
N LEU B 404 11.64 -45.14 -27.37
CA LEU B 404 12.85 -45.39 -28.13
C LEU B 404 13.84 -46.23 -27.31
N CYS B 405 13.96 -45.96 -26.01
CA CYS B 405 14.80 -46.80 -25.16
C CYS B 405 14.29 -48.24 -25.12
N SER B 406 12.97 -48.43 -25.14
CA SER B 406 12.42 -49.77 -25.15
C SER B 406 12.77 -50.50 -26.43
N GLN B 407 12.71 -49.81 -27.57
CA GLN B 407 13.15 -50.41 -28.82
C GLN B 407 14.61 -50.82 -28.73
N GLY B 408 15.44 -49.95 -28.15
CA GLY B 408 16.85 -50.28 -27.97
C GLY B 408 17.05 -51.54 -27.14
N ILE B 409 16.32 -51.64 -26.02
CA ILE B 409 16.46 -52.81 -25.15
C ILE B 409 15.99 -54.08 -25.87
N MET B 410 14.88 -53.99 -26.58
CA MET B 410 14.38 -55.16 -27.31
C MET B 410 15.38 -55.61 -28.37
N ASN B 411 16.07 -54.66 -29.00
CA ASN B 411 17.03 -55.04 -30.04
C ASN B 411 18.16 -55.89 -29.46
N GLY B 412 18.61 -55.57 -28.25
CA GLY B 412 19.65 -56.33 -27.59
C GLY B 412 20.93 -55.55 -27.34
N GLN B 413 21.06 -54.34 -27.89
CA GLN B 413 22.24 -53.52 -27.65
C GLN B 413 22.27 -53.01 -26.22
N MET B 414 21.10 -52.71 -25.65
CA MET B 414 20.98 -52.08 -24.35
C MET B 414 20.56 -53.09 -23.28
N THR B 415 20.35 -52.59 -22.06
CA THR B 415 19.94 -53.44 -20.95
C THR B 415 18.90 -52.73 -20.11
N VAL B 416 18.12 -53.53 -19.38
CA VAL B 416 17.09 -53.00 -18.50
C VAL B 416 17.73 -52.08 -17.47
N GLY B 417 17.05 -50.98 -17.17
CA GLY B 417 17.61 -50.01 -16.25
C GLY B 417 17.88 -48.69 -16.95
N ASP B 418 18.40 -48.76 -18.17
CA ASP B 418 18.55 -47.54 -18.97
C ASP B 418 17.21 -46.87 -19.18
N LEU B 419 16.14 -47.66 -19.26
CA LEU B 419 14.79 -47.10 -19.22
C LEU B 419 14.56 -46.35 -17.92
N VAL B 420 14.91 -46.97 -16.79
CA VAL B 420 14.73 -46.33 -15.49
C VAL B 420 15.60 -45.09 -15.38
N MET B 421 16.85 -45.17 -15.83
CA MET B 421 17.74 -44.02 -15.77
C MET B 421 17.22 -42.86 -16.60
N VAL B 422 16.74 -43.14 -17.82
CA VAL B 422 16.22 -42.09 -18.68
C VAL B 422 14.99 -41.44 -18.04
N ASN B 423 14.07 -42.27 -17.53
CA ASN B 423 12.88 -41.72 -16.89
C ASN B 423 13.25 -40.84 -15.71
N GLY B 424 14.10 -41.34 -14.83
CA GLY B 424 14.47 -40.57 -13.65
C GLY B 424 15.18 -39.28 -14.01
N LEU B 425 16.05 -39.32 -15.01
CA LEU B 425 16.83 -38.14 -15.35
C LEU B 425 15.95 -37.06 -15.99
N LEU B 426 15.06 -37.46 -16.90
CA LEU B 426 14.12 -36.49 -17.47
C LEU B 426 13.19 -35.93 -16.40
N PHE B 427 12.76 -36.77 -15.47
CA PHE B 427 11.90 -36.26 -14.40
C PHE B 427 12.64 -35.27 -13.51
N GLN B 428 13.92 -35.54 -13.22
CA GLN B 428 14.71 -34.57 -12.48
C GLN B 428 14.83 -33.25 -13.22
N LEU B 429 15.03 -33.32 -14.54
CA LEU B 429 15.09 -32.10 -15.34
C LEU B 429 13.76 -31.34 -15.32
N SER B 430 12.64 -32.07 -15.19
CA SER B 430 11.34 -31.43 -15.32
C SER B 430 11.08 -30.39 -14.23
N LEU B 431 11.45 -30.69 -12.99
CA LEU B 431 10.99 -29.88 -11.86
C LEU B 431 11.45 -28.42 -11.91
N PRO B 432 12.72 -28.09 -12.16
CA PRO B 432 13.11 -26.68 -12.18
C PRO B 432 12.39 -25.85 -13.24
N LEU B 433 11.98 -26.46 -14.34
CA LEU B 433 11.36 -25.74 -15.45
C LEU B 433 9.87 -25.50 -15.26
N ASN B 434 9.36 -25.58 -14.03
CA ASN B 434 7.92 -25.45 -13.82
C ASN B 434 7.49 -24.02 -13.55
N PHE B 435 8.41 -23.13 -13.19
CA PHE B 435 8.08 -21.76 -12.83
C PHE B 435 8.66 -20.76 -13.82
N LEU B 436 8.81 -21.17 -15.08
CA LEU B 436 9.47 -20.33 -16.08
C LEU B 436 8.69 -19.05 -16.33
N GLY B 437 7.36 -19.15 -16.48
CA GLY B 437 6.57 -17.96 -16.73
C GLY B 437 6.66 -16.95 -15.60
N SER B 438 6.52 -17.42 -14.36
CA SER B 438 6.57 -16.53 -13.21
C SER B 438 7.93 -15.85 -13.11
N VAL B 439 9.02 -16.62 -13.24
CA VAL B 439 10.34 -16.01 -13.10
C VAL B 439 10.60 -15.05 -14.24
N TYR B 440 10.11 -15.35 -15.45
CA TYR B 440 10.32 -14.44 -16.57
C TYR B 440 9.59 -13.11 -16.35
N ARG B 441 8.32 -13.19 -15.96
CA ARG B 441 7.55 -11.97 -15.75
C ARG B 441 8.16 -11.12 -14.64
N GLU B 442 8.53 -11.76 -13.52
CA GLU B 442 9.09 -11.01 -12.42
C GLU B 442 10.48 -10.45 -12.77
N THR B 443 11.25 -11.18 -13.59
CA THR B 443 12.53 -10.65 -14.03
C THR B 443 12.36 -9.41 -14.91
N ILE B 444 11.37 -9.42 -15.80
CA ILE B 444 11.11 -8.23 -16.61
C ILE B 444 10.74 -7.04 -15.73
N GLN B 445 9.83 -7.27 -14.78
CA GLN B 445 9.42 -6.18 -13.90
C GLN B 445 10.60 -5.65 -13.09
N SER B 446 11.42 -6.56 -12.55
CA SER B 446 12.58 -6.14 -11.77
C SER B 446 13.58 -5.39 -12.62
N LEU B 447 13.76 -5.79 -13.89
CA LEU B 447 14.66 -5.07 -14.77
C LEU B 447 14.17 -3.64 -14.99
N VAL B 448 12.87 -3.46 -15.21
CA VAL B 448 12.34 -2.11 -15.39
C VAL B 448 12.56 -1.28 -14.13
N ASP B 449 12.29 -1.86 -12.96
CA ASP B 449 12.44 -1.12 -11.71
C ASP B 449 13.90 -0.75 -11.45
N MET B 450 14.82 -1.67 -11.72
CA MET B 450 16.25 -1.39 -11.59
C MET B 450 16.67 -0.27 -12.53
N LYS B 451 16.17 -0.29 -13.77
CA LYS B 451 16.49 0.79 -14.70
C LYS B 451 16.04 2.13 -14.16
N SER B 452 14.82 2.18 -13.60
CA SER B 452 14.33 3.45 -13.05
C SER B 452 15.19 3.92 -11.88
N MET B 453 15.51 3.00 -10.95
CA MET B 453 16.30 3.39 -9.79
C MET B 453 17.67 3.91 -10.19
N PHE B 454 18.34 3.23 -11.13
CA PHE B 454 19.62 3.73 -11.59
C PHE B 454 19.47 4.99 -12.43
N GLN B 455 18.29 5.24 -12.99
CA GLN B 455 18.04 6.52 -13.64
C GLN B 455 17.98 7.64 -12.63
N LEU B 456 17.53 7.36 -11.40
CA LEU B 456 17.58 8.39 -10.35
C LEU B 456 19.00 8.91 -10.13
N LEU B 457 20.01 8.07 -10.35
CA LEU B 457 21.39 8.47 -10.19
C LEU B 457 21.85 9.25 -11.42
N GLU B 458 23.15 9.54 -11.48
CA GLU B 458 23.80 10.24 -12.59
C GLU B 458 23.00 11.47 -13.05
N GLU B 459 22.45 12.18 -12.07
CA GLU B 459 21.69 13.41 -12.32
C GLU B 459 22.55 14.60 -11.96
N LYS B 460 22.72 15.53 -12.92
CA LYS B 460 23.62 16.64 -12.74
C LYS B 460 23.02 17.71 -11.81
N SER B 461 23.90 18.54 -11.28
CA SER B 461 23.52 19.66 -10.42
C SER B 461 23.69 20.96 -11.18
N ASP B 462 22.66 21.81 -11.15
CA ASP B 462 22.74 23.08 -11.85
C ASP B 462 23.83 23.97 -11.27
N ILE B 463 23.93 24.04 -9.94
CA ILE B 463 24.92 24.86 -9.27
C ILE B 463 26.07 23.99 -8.81
N THR B 464 27.29 24.47 -9.05
CA THR B 464 28.50 23.74 -8.67
C THR B 464 29.55 24.72 -8.19
N ASN B 465 30.53 24.19 -7.46
CA ASN B 465 31.62 24.99 -6.91
C ASN B 465 32.85 24.87 -7.78
N THR B 466 33.44 26.00 -8.13
CA THR B 466 34.64 26.01 -8.95
C THR B 466 35.83 25.42 -8.18
N SER B 467 36.76 24.83 -8.94
CA SER B 467 37.93 24.21 -8.32
C SER B 467 38.89 25.25 -7.77
N ASP B 468 38.91 26.45 -8.34
CA ASP B 468 39.82 27.51 -7.92
C ASP B 468 39.23 28.39 -6.82
N ALA B 469 38.29 27.85 -6.04
CA ALA B 469 37.60 28.64 -5.05
C ALA B 469 38.52 28.99 -3.88
N LYS B 470 38.17 30.08 -3.19
CA LYS B 470 38.92 30.61 -2.05
C LYS B 470 38.07 30.55 -0.79
N PRO B 471 38.65 30.18 0.34
CA PRO B 471 37.88 30.15 1.59
C PRO B 471 37.39 31.54 1.97
N LEU B 472 36.22 31.58 2.60
CA LEU B 472 35.59 32.83 2.98
C LEU B 472 36.16 33.33 4.31
N VAL B 473 36.47 34.61 4.37
CA VAL B 473 36.98 35.24 5.59
C VAL B 473 35.92 36.19 6.11
N LEU B 474 35.77 36.23 7.44
CA LEU B 474 34.77 37.07 8.10
C LEU B 474 35.50 38.11 8.95
N LYS B 475 35.74 39.28 8.36
CA LYS B 475 36.33 40.41 9.07
C LYS B 475 35.29 41.51 9.34
N GLY B 476 34.01 41.14 9.41
CA GLY B 476 32.95 42.11 9.52
C GLY B 476 32.08 42.11 8.28
N GLY B 477 30.90 41.51 8.38
CA GLY B 477 30.02 41.35 7.24
C GLY B 477 29.60 42.66 6.58
N ASN B 478 29.76 42.72 5.26
CA ASN B 478 29.34 43.88 4.46
C ASN B 478 28.60 43.34 3.25
N ILE B 479 27.27 43.25 3.36
CA ILE B 479 26.44 42.74 2.29
C ILE B 479 26.20 43.84 1.27
N GLU B 480 26.49 43.56 0.00
CA GLU B 480 26.29 44.52 -1.08
C GLU B 480 25.63 43.82 -2.26
N PHE B 481 24.57 44.43 -2.78
CA PHE B 481 23.83 43.92 -3.93
C PHE B 481 23.95 44.90 -5.08
N GLU B 482 24.14 44.37 -6.30
CA GLU B 482 24.38 45.20 -7.48
C GLU B 482 23.57 44.65 -8.65
N ASN B 483 22.34 45.16 -8.81
CA ASN B 483 21.51 44.92 -9.99
C ASN B 483 21.33 43.43 -10.26
N VAL B 484 20.64 42.77 -9.34
CA VAL B 484 20.38 41.33 -9.44
C VAL B 484 19.09 41.12 -10.21
N HIS B 485 19.14 40.27 -11.23
CA HIS B 485 17.98 39.91 -12.03
C HIS B 485 17.72 38.41 -11.90
N PHE B 486 16.47 38.04 -11.71
CA PHE B 486 16.13 36.63 -11.55
C PHE B 486 14.69 36.40 -12.00
N SER B 487 14.42 35.18 -12.44
CA SER B 487 13.07 34.74 -12.77
C SER B 487 12.99 33.23 -12.56
N TYR B 488 12.19 32.81 -11.59
CA TYR B 488 11.99 31.38 -11.38
C TYR B 488 11.36 30.74 -12.62
N LEU B 489 10.36 31.40 -13.19
CA LEU B 489 9.78 31.00 -14.45
C LEU B 489 9.90 32.15 -15.43
N PRO B 490 10.30 31.90 -16.69
CA PRO B 490 10.58 33.03 -17.61
C PRO B 490 9.37 33.92 -17.88
N GLU B 491 8.15 33.43 -17.62
CA GLU B 491 6.98 34.25 -17.89
C GLU B 491 6.87 35.43 -16.94
N ARG B 492 7.34 35.28 -15.70
CA ARG B 492 7.22 36.33 -14.69
C ARG B 492 8.59 36.60 -14.07
N LYS B 493 8.96 37.88 -13.99
CA LYS B 493 10.21 38.32 -13.37
C LYS B 493 9.89 38.93 -12.02
N ILE B 494 10.47 38.39 -10.96
CA ILE B 494 10.15 38.82 -9.60
C ILE B 494 11.25 39.65 -8.94
N LEU B 495 12.48 39.61 -9.45
CA LEU B 495 13.56 40.45 -8.97
C LEU B 495 14.04 41.35 -10.11
N ASP B 496 14.02 42.67 -9.85
CA ASP B 496 14.36 43.68 -10.86
C ASP B 496 15.39 44.64 -10.29
N GLY B 497 16.67 44.30 -10.43
CA GLY B 497 17.76 45.21 -10.12
C GLY B 497 17.82 45.72 -8.70
N ILE B 498 17.68 44.83 -7.72
CA ILE B 498 17.82 45.23 -6.32
C ILE B 498 19.28 45.56 -6.04
N SER B 499 19.51 46.68 -5.35
CA SER B 499 20.85 47.19 -5.12
C SER B 499 21.02 47.70 -3.69
N PHE B 500 20.53 46.94 -2.72
CA PHE B 500 20.67 47.34 -1.32
C PHE B 500 22.04 46.93 -0.78
N VAL B 501 22.57 47.75 0.13
CA VAL B 501 23.86 47.51 0.76
C VAL B 501 23.68 47.56 2.27
N VAL B 502 24.17 46.54 2.95
CA VAL B 502 24.06 46.40 4.40
C VAL B 502 25.42 46.71 5.02
N PRO B 503 25.53 47.70 5.90
CA PRO B 503 26.82 48.00 6.53
C PRO B 503 27.21 46.95 7.57
N ALA B 504 28.32 47.18 8.26
CA ALA B 504 28.82 46.23 9.24
C ALA B 504 28.16 46.48 10.59
N GLY B 505 27.54 45.45 11.15
CA GLY B 505 26.93 45.55 12.47
C GLY B 505 25.64 46.33 12.50
N LYS B 506 24.97 46.50 11.36
CA LYS B 506 23.72 47.23 11.27
C LYS B 506 22.57 46.29 10.94
N SER B 507 21.39 46.63 11.43
CA SER B 507 20.17 45.83 11.22
C SER B 507 19.30 46.54 10.20
N VAL B 508 19.03 45.87 9.08
CA VAL B 508 18.18 46.40 8.03
C VAL B 508 16.90 45.57 7.97
N ALA B 509 15.88 46.14 7.35
CA ALA B 509 14.58 45.49 7.22
C ALA B 509 14.06 45.63 5.80
N ILE B 510 13.34 44.61 5.34
CA ILE B 510 12.71 44.60 4.04
C ILE B 510 11.20 44.49 4.24
N VAL B 511 10.44 45.42 3.68
CA VAL B 511 9.00 45.45 3.82
C VAL B 511 8.37 45.61 2.45
N GLY B 512 7.17 45.06 2.31
CA GLY B 512 6.46 45.13 1.04
C GLY B 512 5.23 44.25 1.06
N THR B 513 4.74 43.93 -0.13
CA THR B 513 3.56 43.10 -0.30
C THR B 513 3.99 41.67 -0.66
N SER B 514 3.00 40.83 -1.00
CA SER B 514 3.31 39.45 -1.38
C SER B 514 4.14 39.40 -2.65
N GLY B 515 3.85 40.27 -3.61
CA GLY B 515 4.58 40.32 -4.85
C GLY B 515 5.92 41.04 -4.80
N SER B 516 6.29 41.56 -3.63
CA SER B 516 7.56 42.27 -3.50
C SER B 516 8.76 41.34 -3.63
N GLY B 517 8.54 40.03 -3.61
CA GLY B 517 9.64 39.07 -3.71
C GLY B 517 10.57 39.08 -2.52
N LYS B 518 10.02 39.20 -1.31
CA LYS B 518 10.85 39.20 -0.11
C LYS B 518 11.35 37.81 0.25
N SER B 519 10.60 36.76 -0.09
CA SER B 519 10.94 35.42 0.38
C SER B 519 12.16 34.84 -0.32
N THR B 520 12.61 35.43 -1.43
CA THR B 520 13.71 34.87 -2.20
C THR B 520 15.06 35.48 -1.85
N ILE B 521 15.09 36.55 -1.06
CA ILE B 521 16.37 37.20 -0.75
C ILE B 521 17.27 36.26 0.04
N LEU B 522 16.71 35.56 1.03
CA LEU B 522 17.52 34.63 1.81
C LEU B 522 17.93 33.42 0.96
N ARG B 523 17.08 33.01 0.01
CA ARG B 523 17.47 31.94 -0.90
C ARG B 523 18.69 32.36 -1.73
N MET B 524 18.69 33.59 -2.24
CA MET B 524 19.83 34.07 -3.01
C MET B 524 21.07 34.18 -2.14
N LEU B 525 20.92 34.72 -0.93
CA LEU B 525 22.09 34.87 -0.06
C LEU B 525 22.65 33.52 0.36
N PHE B 526 21.81 32.50 0.47
CA PHE B 526 22.26 31.14 0.76
C PHE B 526 22.59 30.35 -0.50
N ARG B 527 22.43 30.97 -1.68
CA ARG B 527 22.77 30.37 -2.96
C ARG B 527 21.96 29.10 -3.22
N PHE B 528 20.66 29.17 -2.95
CA PHE B 528 19.76 28.12 -3.40
C PHE B 528 19.48 28.23 -4.89
N PHE B 529 19.31 29.45 -5.40
CA PHE B 529 19.16 29.70 -6.83
C PHE B 529 20.27 30.66 -7.26
N ASP B 530 21.03 30.26 -8.27
CA ASP B 530 22.10 31.12 -8.77
C ASP B 530 21.51 32.33 -9.50
N THR B 531 22.14 33.48 -9.31
CA THR B 531 21.64 34.70 -9.92
C THR B 531 21.86 34.68 -11.44
N ASP B 532 20.82 35.04 -12.18
CA ASP B 532 20.93 35.08 -13.63
C ASP B 532 21.94 36.12 -14.09
N SER B 533 21.91 37.31 -13.47
CA SER B 533 22.87 38.36 -13.78
C SER B 533 23.07 39.20 -12.54
N GLY B 534 24.24 39.83 -12.46
CA GLY B 534 24.62 40.60 -11.29
C GLY B 534 25.57 39.84 -10.40
N ASN B 535 26.01 40.52 -9.34
CA ASN B 535 27.01 40.00 -8.43
C ASN B 535 26.74 40.47 -7.01
N ILE B 536 27.24 39.72 -6.03
CA ILE B 536 27.04 40.01 -4.61
C ILE B 536 28.40 40.06 -3.94
N ARG B 537 28.65 41.14 -3.19
CA ARG B 537 29.83 41.29 -2.36
C ARG B 537 29.45 40.97 -0.91
N ILE B 538 29.88 39.80 -0.43
CA ILE B 538 29.80 39.50 0.99
C ILE B 538 31.18 39.71 1.60
N ASP B 539 31.26 40.63 2.57
CA ASP B 539 32.54 41.03 3.18
C ASP B 539 33.56 41.42 2.11
N GLY B 540 33.10 42.15 1.11
CA GLY B 540 33.97 42.52 0.01
C GLY B 540 34.50 41.36 -0.78
N GLN B 541 33.66 40.34 -1.01
CA GLN B 541 34.08 39.14 -1.70
C GLN B 541 32.90 38.58 -2.48
N ASP B 542 33.17 38.10 -3.70
CA ASP B 542 32.14 37.51 -4.53
C ASP B 542 31.81 36.09 -4.07
N ILE B 543 30.57 35.68 -4.33
CA ILE B 543 30.10 34.39 -3.83
C ILE B 543 30.39 33.26 -4.82
N LYS B 544 30.45 33.55 -6.11
CA LYS B 544 30.52 32.49 -7.11
C LYS B 544 31.80 31.68 -6.99
N GLU B 545 32.93 32.34 -6.76
CA GLU B 545 34.23 31.67 -6.75
C GLU B 545 34.72 31.35 -5.34
N VAL B 546 33.82 30.99 -4.43
CA VAL B 546 34.19 30.48 -3.13
C VAL B 546 33.41 29.19 -2.88
N ARG B 547 33.95 28.34 -1.99
CA ARG B 547 33.23 27.14 -1.62
C ARG B 547 31.93 27.50 -0.92
N LEU B 548 30.86 26.82 -1.33
CA LEU B 548 29.55 27.05 -0.69
C LEU B 548 29.53 26.55 0.75
N ASP B 549 30.43 25.64 1.12
CA ASP B 549 30.44 25.12 2.49
C ASP B 549 30.74 26.23 3.49
N SER B 550 31.70 27.11 3.19
CA SER B 550 32.05 28.17 4.12
C SER B 550 30.89 29.13 4.34
N LEU B 551 30.21 29.53 3.26
CA LEU B 551 29.09 30.45 3.42
C LEU B 551 27.92 29.76 4.11
N ARG B 552 27.67 28.49 3.81
CA ARG B 552 26.62 27.76 4.50
C ARG B 552 26.91 27.62 5.99
N SER B 553 28.19 27.54 6.36
CA SER B 553 28.56 27.44 7.76
C SER B 553 28.59 28.80 8.45
N SER B 554 28.70 29.88 7.69
CA SER B 554 28.76 31.22 8.25
C SER B 554 27.44 31.98 8.16
N ILE B 555 26.35 31.29 7.84
CA ILE B 555 25.03 31.91 7.71
C ILE B 555 24.06 31.14 8.60
N GLY B 556 23.30 31.87 9.42
CA GLY B 556 22.23 31.29 10.21
C GLY B 556 20.90 31.84 9.79
N VAL B 557 19.87 31.00 9.84
CA VAL B 557 18.55 31.35 9.34
C VAL B 557 17.49 30.94 10.36
N VAL B 558 16.37 31.64 10.31
CA VAL B 558 15.21 31.33 11.13
C VAL B 558 14.02 31.07 10.21
N PRO B 559 13.63 29.81 10.02
CA PRO B 559 12.54 29.51 9.10
C PRO B 559 11.19 30.01 9.61
N GLN B 560 10.27 30.21 8.67
CA GLN B 560 8.92 30.61 9.03
C GLN B 560 8.23 29.56 9.88
N ASP B 561 8.21 28.32 9.39
CA ASP B 561 7.57 27.20 10.09
C ASP B 561 8.62 26.12 10.30
N THR B 562 9.36 26.22 11.40
CA THR B 562 10.35 25.20 11.73
C THR B 562 9.67 23.86 11.97
N VAL B 563 10.36 22.80 11.59
CA VAL B 563 9.84 21.43 11.72
C VAL B 563 10.63 20.72 12.80
N LEU B 564 9.93 20.10 13.74
CA LEU B 564 10.54 19.39 14.85
C LEU B 564 10.61 17.91 14.49
N PHE B 565 11.79 17.31 14.60
CA PHE B 565 11.96 15.92 14.24
C PHE B 565 11.26 15.01 15.25
N ASN B 566 10.93 13.81 14.78
CA ASN B 566 10.24 12.81 15.61
C ASN B 566 11.26 12.17 16.56
N ASP B 567 11.73 12.98 17.50
CA ASP B 567 12.77 12.55 18.43
C ASP B 567 12.66 13.38 19.71
N THR B 568 13.65 13.27 20.57
CA THR B 568 13.64 13.94 21.85
C THR B 568 13.94 15.43 21.69
N ILE B 569 13.54 16.21 22.70
CA ILE B 569 13.75 17.65 22.66
C ILE B 569 15.23 17.99 22.70
N PHE B 570 16.01 17.26 23.52
CA PHE B 570 17.43 17.58 23.65
C PHE B 570 18.16 17.38 22.33
N HIS B 571 17.84 16.32 21.59
CA HIS B 571 18.46 16.10 20.29
C HIS B 571 18.09 17.21 19.31
N ASN B 572 16.83 17.65 19.33
CA ASN B 572 16.42 18.71 18.43
C ASN B 572 17.12 20.03 18.75
N ILE B 573 17.34 20.31 20.03
CA ILE B 573 18.08 21.51 20.39
C ILE B 573 19.55 21.37 20.01
N HIS B 574 20.12 20.17 20.18
CA HIS B 574 21.51 19.94 19.82
C HIS B 574 21.74 19.91 18.32
N TYR B 575 20.66 19.78 17.54
CA TYR B 575 20.78 19.70 16.09
C TYR B 575 21.45 20.94 15.50
N GLY B 576 21.44 22.06 16.21
CA GLY B 576 22.03 23.28 15.67
C GLY B 576 23.52 23.13 15.39
N ARG B 577 24.23 22.43 16.26
CA ARG B 577 25.67 22.26 16.10
C ARG B 577 26.07 20.96 16.76
N LEU B 578 26.39 19.95 15.96
CA LEU B 578 26.81 18.67 16.51
C LEU B 578 28.17 18.81 17.19
N SER B 579 28.54 17.77 17.96
CA SER B 579 29.77 17.76 18.74
C SER B 579 29.82 18.94 19.72
N ALA B 580 28.70 19.19 20.38
CA ALA B 580 28.58 20.26 21.36
C ALA B 580 28.32 19.69 22.74
N THR B 581 28.89 20.33 23.76
CA THR B 581 28.70 19.88 25.12
C THR B 581 27.28 20.13 25.61
N GLU B 582 26.86 19.37 26.61
CA GLU B 582 25.50 19.49 27.13
C GLU B 582 25.29 20.81 27.85
N GLU B 583 26.32 21.31 28.54
CA GLU B 583 26.18 22.60 29.22
C GLU B 583 25.95 23.72 28.21
N GLU B 584 26.50 23.59 27.01
CA GLU B 584 26.29 24.63 25.99
C GLU B 584 24.83 24.71 25.58
N VAL B 585 24.21 23.58 25.26
CA VAL B 585 22.80 23.62 24.88
C VAL B 585 21.93 23.99 26.09
N TYR B 586 22.34 23.60 27.29
CA TYR B 586 21.58 23.98 28.48
C TYR B 586 21.57 25.49 28.66
N GLU B 587 22.74 26.14 28.54
CA GLU B 587 22.79 27.58 28.69
C GLU B 587 22.13 28.30 27.52
N ALA B 588 22.17 27.72 26.32
CA ALA B 588 21.46 28.31 25.19
C ALA B 588 19.95 28.28 25.43
N ALA B 589 19.43 27.16 25.92
CA ALA B 589 18.01 27.07 26.23
C ALA B 589 17.65 28.02 27.36
N ARG B 590 18.54 28.17 28.35
CA ARG B 590 18.28 29.10 29.44
C ARG B 590 18.21 30.54 28.94
N ARG B 591 19.12 30.92 28.03
CA ARG B 591 19.09 32.27 27.47
C ARG B 591 17.83 32.47 26.63
N ALA B 592 17.43 31.44 25.87
CA ALA B 592 16.19 31.54 25.12
C ALA B 592 14.96 31.53 26.01
N ALA B 593 15.13 31.39 27.33
CA ALA B 593 14.05 31.41 28.31
C ALA B 593 13.06 30.26 28.09
N ILE B 594 13.49 29.18 27.43
CA ILE B 594 12.63 28.02 27.24
C ILE B 594 12.83 26.97 28.33
N HIS B 595 13.87 27.10 29.16
CA HIS B 595 14.15 26.10 30.18
C HIS B 595 12.99 25.95 31.16
N GLU B 596 12.38 27.06 31.56
CA GLU B 596 11.23 27.01 32.44
C GLU B 596 10.08 26.25 31.79
N THR B 597 9.86 26.47 30.49
CA THR B 597 8.83 25.72 29.78
C THR B 597 9.19 24.24 29.67
N ILE B 598 10.47 23.94 29.50
CA ILE B 598 10.90 22.55 29.43
C ILE B 598 10.66 21.84 30.76
N SER B 599 10.86 22.54 31.87
CA SER B 599 10.72 21.91 33.18
C SER B 599 9.29 21.46 33.46
N ASN B 600 8.30 21.96 32.72
CA ASN B 600 6.91 21.59 32.95
C ASN B 600 6.53 20.28 32.28
N PHE B 601 7.34 19.74 31.38
CA PHE B 601 7.02 18.49 30.74
C PHE B 601 7.16 17.34 31.73
N PRO B 602 6.50 16.20 31.45
CA PRO B 602 6.60 15.06 32.39
C PRO B 602 8.03 14.60 32.66
N ASP B 603 8.89 14.63 31.65
CA ASP B 603 10.28 14.24 31.79
C ASP B 603 11.17 15.42 31.41
N LYS B 604 12.19 15.67 32.22
CA LYS B 604 13.05 16.83 32.04
C LYS B 604 13.99 16.62 30.86
N TYR B 605 13.93 17.52 29.89
CA TYR B 605 14.82 17.53 28.73
C TYR B 605 14.78 16.24 27.93
N SER B 606 13.64 15.54 27.94
CA SER B 606 13.50 14.31 27.15
C SER B 606 12.02 14.00 27.02
N THR B 607 11.52 13.95 25.79
CA THR B 607 10.14 13.59 25.50
C THR B 607 9.98 13.45 23.99
N ILE B 608 9.04 12.60 23.58
CA ILE B 608 8.73 12.47 22.17
C ILE B 608 7.94 13.70 21.74
N VAL B 609 8.51 14.46 20.80
CA VAL B 609 7.92 15.72 20.37
C VAL B 609 7.64 15.64 18.87
N GLY B 610 6.64 16.43 18.43
CA GLY B 610 6.21 16.39 17.05
C GLY B 610 5.06 15.43 16.85
N GLU B 611 4.98 14.84 15.65
CA GLU B 611 3.94 13.87 15.37
C GLU B 611 4.14 12.60 16.19
N ARG B 612 3.04 11.91 16.47
CA ARG B 612 3.06 10.69 17.28
C ARG B 612 3.71 10.92 18.63
N GLY B 613 3.42 12.08 19.22
CA GLY B 613 4.02 12.41 20.49
C GLY B 613 3.46 13.68 21.06
N LEU B 614 4.20 14.26 22.00
CA LEU B 614 3.77 15.51 22.64
C LEU B 614 3.66 16.62 21.62
N LYS B 615 2.66 17.47 21.80
CA LYS B 615 2.42 18.59 20.89
C LYS B 615 3.03 19.86 21.46
N LEU B 616 3.78 20.58 20.63
CA LEU B 616 4.46 21.81 21.03
C LEU B 616 3.83 22.99 20.31
N SER B 617 3.69 24.10 21.02
CA SER B 617 3.03 25.28 20.46
C SER B 617 3.91 25.92 19.39
N GLY B 618 3.25 26.68 18.50
CA GLY B 618 3.97 27.36 17.44
C GLY B 618 4.97 28.38 17.97
N GLY B 619 4.57 29.12 19.00
CA GLY B 619 5.52 30.01 19.66
C GLY B 619 6.68 29.24 20.26
N GLU B 620 6.38 28.11 20.91
CA GLU B 620 7.45 27.25 21.41
C GLU B 620 8.29 26.68 20.27
N LYS B 621 7.67 26.36 19.14
CA LYS B 621 8.42 25.83 18.00
C LYS B 621 9.42 26.86 17.48
N GLN B 622 8.98 28.10 17.31
CA GLN B 622 9.90 29.13 16.83
C GLN B 622 10.92 29.49 17.92
N ARG B 623 10.57 29.29 19.19
CA ARG B 623 11.56 29.42 20.25
C ARG B 623 12.64 28.36 20.12
N VAL B 624 12.25 27.13 19.78
CA VAL B 624 13.21 26.07 19.53
C VAL B 624 14.11 26.43 18.35
N ALA B 625 13.52 26.97 17.29
CA ALA B 625 14.30 27.39 16.13
C ALA B 625 15.30 28.48 16.50
N LEU B 626 14.88 29.44 17.32
CA LEU B 626 15.79 30.48 17.80
C LEU B 626 16.91 29.87 18.64
N ALA B 627 16.58 28.86 19.46
CA ALA B 627 17.61 28.18 20.23
C ALA B 627 18.63 27.51 19.31
N ARG B 628 18.15 26.85 18.25
CA ARG B 628 19.07 26.23 17.29
C ARG B 628 20.00 27.26 16.67
N THR B 629 19.43 28.34 16.13
CA THR B 629 20.27 29.33 15.47
C THR B 629 21.17 30.07 16.44
N PHE B 630 20.83 30.11 17.73
CA PHE B 630 21.73 30.69 18.71
C PHE B 630 22.86 29.73 19.05
N LEU B 631 22.56 28.43 19.10
CA LEU B 631 23.62 27.43 19.30
C LEU B 631 24.60 27.45 18.15
N LYS B 632 24.12 27.59 16.92
CA LYS B 632 25.01 27.62 15.76
C LYS B 632 25.98 28.79 15.86
N SER B 633 25.51 29.93 16.36
CA SER B 633 26.31 31.14 16.55
C SER B 633 26.99 31.57 15.26
N PRO B 634 26.23 32.03 14.26
CA PRO B 634 26.85 32.45 13.00
C PRO B 634 27.27 33.91 13.03
N ALA B 635 27.80 34.40 11.90
CA ALA B 635 28.18 35.80 11.79
C ALA B 635 27.08 36.65 11.15
N ILE B 636 26.21 36.06 10.36
CA ILE B 636 25.11 36.75 9.70
C ILE B 636 23.85 35.94 9.93
N LEU B 637 22.76 36.61 10.30
CA LEU B 637 21.49 35.94 10.58
C LEU B 637 20.40 36.53 9.70
N LEU B 638 19.48 35.67 9.26
CA LEU B 638 18.32 36.08 8.48
C LEU B 638 17.07 35.54 9.12
N CYS B 639 16.06 36.39 9.31
CA CYS B 639 14.81 36.02 9.91
C CYS B 639 13.65 36.37 8.98
N ASP B 640 12.47 35.83 9.29
CA ASP B 640 11.29 36.05 8.46
C ASP B 640 10.04 36.46 9.22
N GLU B 641 9.99 36.27 10.55
CA GLU B 641 8.88 36.76 11.38
C GLU B 641 7.55 36.21 10.88
N ALA B 642 7.41 34.89 11.01
CA ALA B 642 6.21 34.21 10.55
C ALA B 642 4.98 34.73 11.26
N THR B 643 3.88 34.84 10.52
CA THR B 643 2.62 35.35 11.07
C THR B 643 2.01 34.35 12.02
N SER B 644 1.63 34.81 13.22
CA SER B 644 0.97 33.96 14.20
C SER B 644 0.21 34.85 15.17
N ALA B 645 -0.80 34.26 15.81
CA ALA B 645 -1.59 34.95 16.81
C ALA B 645 -0.90 34.78 18.16
N LEU B 646 -0.27 35.85 18.65
CA LEU B 646 0.53 35.80 19.85
C LEU B 646 0.16 36.94 20.78
N ASP B 647 0.26 36.67 22.09
CA ASP B 647 -0.02 37.69 23.09
C ASP B 647 1.10 38.72 23.15
N SER B 648 0.80 39.85 23.78
CA SER B 648 1.76 40.95 23.83
C SER B 648 3.01 40.57 24.62
N THR B 649 2.84 39.86 25.74
CA THR B 649 3.98 39.51 26.57
C THR B 649 4.94 38.58 25.84
N THR B 650 4.40 37.55 25.18
CA THR B 650 5.26 36.63 24.45
C THR B 650 5.91 37.31 23.26
N GLU B 651 5.18 38.21 22.59
CA GLU B 651 5.78 38.96 21.49
C GLU B 651 6.93 39.82 21.97
N ALA B 652 6.77 40.49 23.11
CA ALA B 652 7.87 41.29 23.67
C ALA B 652 9.05 40.40 24.05
N GLU B 653 8.77 39.23 24.64
CA GLU B 653 9.84 38.33 25.04
C GLU B 653 10.64 37.84 23.83
N ILE B 654 9.94 37.44 22.77
CA ILE B 654 10.65 36.95 21.59
C ILE B 654 11.35 38.10 20.86
N LEU B 655 10.80 39.31 20.92
CA LEU B 655 11.50 40.46 20.36
C LEU B 655 12.80 40.72 21.11
N ASN B 656 12.77 40.63 22.44
CA ASN B 656 13.98 40.78 23.23
C ASN B 656 14.99 39.68 22.90
N ALA B 657 14.50 38.44 22.74
CA ALA B 657 15.40 37.34 22.37
C ALA B 657 16.04 37.58 21.02
N LEU B 658 15.28 38.04 20.03
CA LEU B 658 15.83 38.32 18.72
C LEU B 658 16.83 39.46 18.78
N LYS B 659 16.54 40.50 19.58
CA LYS B 659 17.48 41.61 19.72
C LYS B 659 18.79 41.12 20.35
N ALA B 660 18.70 40.24 21.34
CA ALA B 660 19.90 39.66 21.93
C ALA B 660 20.66 38.82 20.91
N LEU B 661 19.94 38.10 20.05
CA LEU B 661 20.59 37.28 19.04
C LEU B 661 21.39 38.13 18.06
N ALA B 662 20.83 39.27 17.65
CA ALA B 662 21.47 40.17 16.69
C ALA B 662 22.22 41.31 17.38
N SER B 663 22.77 41.06 18.57
CA SER B 663 23.43 42.12 19.32
C SER B 663 24.66 42.64 18.61
N ASN B 664 25.49 41.76 18.07
CA ASN B 664 26.77 42.16 17.48
C ASN B 664 27.01 41.43 16.17
N ARG B 665 25.96 41.27 15.36
CA ARG B 665 26.08 40.60 14.07
C ARG B 665 25.28 41.37 13.03
N THR B 666 25.74 41.30 11.78
CA THR B 666 24.99 41.88 10.68
C THR B 666 23.71 41.08 10.46
N SER B 667 22.58 41.77 10.43
CA SER B 667 21.28 41.11 10.37
C SER B 667 20.43 41.72 9.27
N ILE B 668 19.67 40.87 8.58
CA ILE B 668 18.71 41.28 7.57
C ILE B 668 17.36 40.66 7.95
N PHE B 669 16.38 41.51 8.21
CA PHE B 669 15.07 41.07 8.68
C PHE B 669 14.01 41.35 7.63
N ILE B 670 13.05 40.42 7.50
CA ILE B 670 11.83 40.63 6.74
C ILE B 670 10.67 40.30 7.66
N ALA B 671 9.66 41.18 7.70
CA ALA B 671 8.57 41.06 8.66
C ALA B 671 7.23 41.18 7.97
N HIS B 672 6.32 40.25 8.29
CA HIS B 672 4.94 40.35 7.83
C HIS B 672 4.18 41.43 8.60
N ARG B 673 4.47 41.60 9.88
CA ARG B 673 3.88 42.65 10.70
C ARG B 673 4.87 43.79 10.81
N LEU B 674 4.45 44.97 10.33
CA LEU B 674 5.35 46.10 10.26
C LEU B 674 5.70 46.64 11.64
N THR B 675 4.80 46.46 12.63
CA THR B 675 5.00 47.05 13.95
C THR B 675 6.33 46.59 14.56
N THR B 676 6.80 45.41 14.19
CA THR B 676 8.08 44.91 14.68
C THR B 676 9.28 45.46 13.88
N ALA B 677 9.03 46.14 12.77
CA ALA B 677 10.11 46.52 11.87
C ALA B 677 10.80 47.83 12.23
N MET B 678 10.20 48.66 13.10
CA MET B 678 10.86 49.91 13.48
C MET B 678 12.12 49.67 14.31
N GLN B 679 12.29 48.48 14.87
CA GLN B 679 13.44 48.22 15.73
C GLN B 679 14.75 48.26 14.95
N CYS B 680 14.72 47.92 13.66
CA CYS B 680 15.93 47.92 12.86
C CYS B 680 16.42 49.35 12.62
N ASP B 681 17.74 49.48 12.42
CA ASP B 681 18.33 50.80 12.22
C ASP B 681 17.87 51.42 10.91
N GLU B 682 17.82 50.62 9.83
CA GLU B 682 17.50 51.12 8.50
C GLU B 682 16.43 50.24 7.88
N ILE B 683 15.55 50.85 7.09
CA ILE B 683 14.42 50.15 6.48
C ILE B 683 14.44 50.40 4.97
N VAL B 684 14.30 49.33 4.19
CA VAL B 684 14.19 49.40 2.74
C VAL B 684 12.87 48.78 2.33
N VAL B 685 12.12 49.48 1.50
CA VAL B 685 10.81 49.02 1.04
C VAL B 685 10.95 48.51 -0.39
N LEU B 686 10.35 47.34 -0.66
CA LEU B 686 10.39 46.71 -1.97
C LEU B 686 8.97 46.64 -2.53
N GLU B 687 8.82 47.02 -3.79
CA GLU B 687 7.53 46.98 -4.47
C GLU B 687 7.71 46.38 -5.85
N ASN B 688 7.01 45.28 -6.11
CA ASN B 688 7.02 44.62 -7.42
C ASN B 688 8.44 44.27 -7.87
N GLY B 689 9.26 43.83 -6.92
CA GLY B 689 10.61 43.42 -7.24
C GLY B 689 11.58 44.56 -7.50
N LYS B 690 11.22 45.80 -7.18
CA LYS B 690 12.10 46.93 -7.38
C LYS B 690 12.12 47.79 -6.12
N VAL B 691 13.28 48.39 -5.86
CA VAL B 691 13.43 49.26 -4.70
C VAL B 691 12.68 50.57 -4.92
N VAL B 692 12.17 51.14 -3.84
CA VAL B 692 11.42 52.40 -3.91
C VAL B 692 12.10 53.45 -3.05
N GLU B 693 12.21 53.17 -1.75
CA GLU B 693 12.79 54.10 -0.80
C GLU B 693 13.58 53.33 0.25
N GLN B 694 14.47 54.05 0.93
CA GLN B 694 15.30 53.45 1.97
C GLN B 694 15.60 54.50 3.04
N GLY B 695 15.87 54.02 4.25
CA GLY B 695 16.19 54.89 5.35
C GLY B 695 15.35 54.62 6.58
N PRO B 696 15.65 55.31 7.68
CA PRO B 696 14.88 55.13 8.91
C PRO B 696 13.43 55.57 8.74
N HIS B 697 12.58 55.10 9.66
CA HIS B 697 11.15 55.33 9.53
C HIS B 697 10.78 56.79 9.77
N ASP B 698 11.50 57.48 10.65
CA ASP B 698 11.17 58.88 10.94
C ASP B 698 11.37 59.77 9.71
N GLU B 699 12.48 59.58 8.99
CA GLU B 699 12.67 60.36 7.77
C GLU B 699 11.71 59.93 6.68
N LEU B 700 11.22 58.69 6.73
CA LEU B 700 10.18 58.26 5.81
C LEU B 700 8.87 58.98 6.09
N LEU B 701 8.57 59.22 7.37
CA LEU B 701 7.46 60.10 7.71
C LEU B 701 7.71 61.51 7.20
N GLY B 702 8.93 62.01 7.38
CA GLY B 702 9.23 63.36 6.96
C GLY B 702 9.06 63.58 5.46
N LYS B 703 9.53 62.62 4.67
CA LYS B 703 9.41 62.70 3.22
C LYS B 703 8.09 62.17 2.70
N SER B 704 7.29 61.50 3.53
CA SER B 704 5.98 60.98 3.16
C SER B 704 6.07 60.08 1.93
N GLY B 705 7.03 59.16 1.93
CA GLY B 705 7.21 58.23 0.84
C GLY B 705 6.22 57.08 0.90
N ARG B 706 6.48 56.08 0.07
CA ARG B 706 5.60 54.91 -0.02
C ARG B 706 5.39 54.26 1.35
N TYR B 707 6.41 54.31 2.21
CA TYR B 707 6.31 53.69 3.52
C TYR B 707 5.22 54.34 4.37
N ALA B 708 5.01 55.64 4.19
CA ALA B 708 3.91 56.32 4.87
C ALA B 708 2.57 55.75 4.45
N GLN B 709 2.35 55.57 3.14
CA GLN B 709 1.12 54.95 2.68
C GLN B 709 1.00 53.52 3.18
N LEU B 710 2.13 52.81 3.29
CA LEU B 710 2.10 51.48 3.90
C LEU B 710 1.59 51.54 5.33
N TRP B 711 1.95 52.58 6.07
CA TRP B 711 1.34 52.75 7.39
C TRP B 711 -0.14 53.08 7.29
N THR B 712 -0.54 53.86 6.28
CA THR B 712 -1.90 54.40 6.26
C THR B 712 -2.96 53.30 6.30
N GLN B 713 -2.77 52.25 5.51
CA GLN B 713 -3.72 51.15 5.50
C GLN B 713 -3.35 50.02 6.44
N GLN B 714 -2.25 50.14 7.19
CA GLN B 714 -1.84 49.12 8.15
C GLN B 714 -2.23 49.47 9.59
N ASN B 715 -1.76 50.62 10.08
CA ASN B 715 -2.03 51.02 11.45
C ASN B 715 -3.23 51.95 11.59
N SER B 716 -3.54 52.72 10.55
CA SER B 716 -4.67 53.64 10.56
C SER B 716 -4.60 54.63 11.72
#